data_8C5O
#
_entry.id   8C5O
#
_cell.length_a   83.152
_cell.length_b   83.152
_cell.length_c   306.136
_cell.angle_alpha   90.000
_cell.angle_beta   90.000
_cell.angle_gamma   90.000
#
_symmetry.space_group_name_H-M   'P 41 21 2'
#
loop_
_entity.id
_entity.type
_entity.pdbx_description
1 polymer 'Penicillin-binding protein 3'
2 non-polymer Vaborbactam
3 water water
#
_entity_poly.entity_id   1
_entity_poly.type   'polypeptide(L)'
_entity_poly.pdbx_seq_one_letter_code
;GSSHHHHHHSSGENLYFQSGSHYKQLIKNDENITVNESVPRGRILDRNGKVLVDNASKMSITYTRNRKTSQKEMLNTAKK
LTDLIKMDTDKITERDKKDFWIQMYPSSAKKLMRKEQLMLEDGSISQDQFDTQLRDKIGKKQLKQLTKKDLQVLAIYREM
NAGSTLDPQTIKNEDVSEKEYAAVSQQLSKLPGVNTTMDWDRKYPYGDTLRGIFGDVSTSTEGIPKELTEQYLSKGYSRN
DRVGKSYLEYQYEDVLKGTKKQMKYTTDKSGRVISSEVLNPGSRGHDLQLTIDIDLQKKVESLLEKQISKLRSQGAKDMD
NALMVVQNPKNGDILAIAGKQIDKQGKLKDYDIGNFTAQYTVGSSVKGGTLLAGYQNKAINVGETMVDEPLKFQGGLTKR
SYFNKNGHVSIDDKQALMHSSNVYMFKTALKLAGDPYTSGMSLPNNIADAGRKLRKGLNQVGLGLKTGIDLPNETPGQIE
PLTNNPGNYLDLAIGQYDTYTPLQLSQYVSTIANDGYRIQPHIGLSIYESTNKDETGPLKRKIKGNVLNKVNNSNDEIKE
VQEGFKMAFNEKQGTGYASFRNTVVPSAGKTGTAEVFQDGEPRVNSTYIGYAPVDDPKLSFSIVYTNQPVPPPWLNGGDL
GRDVINYYFKDKDNKKDDSQSNNEEKED
;
_entity_poly.pdbx_strand_id   A
#
loop_
_chem_comp.id
_chem_comp.type
_chem_comp.name
_chem_comp.formula
4D6 non-polymer Vaborbactam 'C12 H16 B N O5 S'
#
# COMPACT_ATOMS: atom_id res chain seq x y z
N GLY A 20 -25.30 10.20 6.39
CA GLY A 20 -24.42 9.66 5.36
C GLY A 20 -24.96 8.38 4.79
N SER A 21 -26.21 8.07 5.15
CA SER A 21 -26.83 6.79 4.84
C SER A 21 -27.59 6.91 3.54
N HIS A 22 -26.95 6.49 2.44
CA HIS A 22 -27.67 6.35 1.19
C HIS A 22 -28.46 5.04 1.18
N TYR A 23 -29.49 4.99 0.33
CA TYR A 23 -30.31 3.78 0.20
C TYR A 23 -29.52 2.64 -0.42
N LYS A 24 -29.82 2.36 -1.70
CA LYS A 24 -29.11 1.47 -2.63
C LYS A 24 -30.06 0.44 -3.22
N GLN A 25 -31.05 -0.01 -2.45
CA GLN A 25 -31.97 -1.05 -2.90
C GLN A 25 -33.41 -0.66 -2.62
N LEU A 26 -34.30 -1.03 -3.55
CA LEU A 26 -35.74 -0.94 -3.35
C LEU A 26 -36.37 -2.12 -4.10
N ILE A 27 -36.78 -3.13 -3.34
CA ILE A 27 -37.10 -4.45 -3.88
C ILE A 27 -38.61 -4.67 -3.76
N LYS A 28 -39.27 -4.83 -4.91
CA LYS A 28 -40.72 -4.99 -5.00
C LYS A 28 -41.11 -6.47 -4.99
N ASN A 29 -42.39 -6.72 -4.68
CA ASN A 29 -42.96 -8.07 -4.72
C ASN A 29 -44.48 -8.06 -4.66
N ASP A 30 -45.04 -8.24 -3.46
CA ASP A 30 -46.50 -8.36 -3.27
C ASP A 30 -47.11 -6.98 -2.96
N GLU A 31 -46.98 -6.06 -3.91
CA GLU A 31 -47.15 -4.63 -3.61
C GLU A 31 -46.34 -4.29 -2.36
N ASN A 32 -45.17 -4.92 -2.28
CA ASN A 32 -44.45 -5.17 -1.03
C ASN A 32 -43.00 -4.77 -1.24
N ILE A 33 -42.58 -3.67 -0.61
CA ILE A 33 -41.29 -3.05 -0.89
C ILE A 33 -40.31 -3.36 0.23
N THR A 34 -39.06 -3.62 -0.14
CA THR A 34 -37.96 -3.78 0.79
C THR A 34 -36.87 -2.81 0.41
N VAL A 35 -36.50 -1.93 1.33
CA VAL A 35 -35.49 -0.90 1.09
C VAL A 35 -34.34 -1.13 2.06
N ASN A 36 -33.11 -0.96 1.57
CA ASN A 36 -31.91 -1.22 2.34
C ASN A 36 -31.13 0.08 2.48
N GLU A 37 -30.74 0.41 3.71
CA GLU A 37 -29.98 1.62 4.02
C GLU A 37 -28.55 1.26 4.39
N SER A 38 -27.60 1.99 3.82
CA SER A 38 -26.20 1.74 4.07
C SER A 38 -25.83 2.11 5.52
N VAL A 39 -24.67 1.60 5.95
CA VAL A 39 -24.22 1.71 7.34
C VAL A 39 -22.73 2.07 7.33
N PRO A 40 -22.21 2.56 8.46
CA PRO A 40 -20.82 3.04 8.45
C PRO A 40 -19.80 1.91 8.49
N ARG A 41 -18.65 2.18 7.85
CA ARG A 41 -17.59 1.19 7.70
C ARG A 41 -16.74 1.10 8.97
N GLY A 42 -16.23 -0.12 9.24
CA GLY A 42 -15.40 -0.32 10.42
C GLY A 42 -14.13 0.51 10.36
N ARG A 43 -13.61 0.84 11.55
CA ARG A 43 -12.33 1.53 11.62
C ARG A 43 -11.18 0.53 11.52
N ILE A 44 -9.98 1.06 11.31
CA ILE A 44 -8.75 0.28 11.33
C ILE A 44 -7.80 0.91 12.34
N LEU A 45 -7.32 0.09 13.26
CA LEU A 45 -6.54 0.51 14.41
C LEU A 45 -5.20 -0.22 14.43
N ASP A 46 -4.19 0.44 15.00
CA ASP A 46 -2.91 -0.19 15.20
C ASP A 46 -2.98 -1.09 16.45
N ARG A 47 -1.86 -1.72 16.81
CA ARG A 47 -1.92 -2.78 17.81
C ARG A 47 -2.15 -2.23 19.22
N ASN A 48 -1.98 -0.92 19.41
CA ASN A 48 -2.27 -0.28 20.68
C ASN A 48 -3.57 0.50 20.66
N GLY A 49 -4.44 0.24 19.69
CA GLY A 49 -5.72 0.91 19.61
C GLY A 49 -5.73 2.26 18.93
N LYS A 50 -4.62 2.75 18.41
CA LYS A 50 -4.63 4.07 17.77
C LYS A 50 -5.32 4.02 16.42
N VAL A 51 -6.09 5.05 16.12
CA VAL A 51 -6.95 5.04 14.93
C VAL A 51 -6.07 5.33 13.71
N LEU A 52 -6.09 4.42 12.74
CA LEU A 52 -5.34 4.60 11.50
C LEU A 52 -6.25 4.96 10.34
N VAL A 53 -7.44 4.35 10.29
CA VAL A 53 -8.43 4.60 9.25
C VAL A 53 -9.77 4.83 9.94
N ASP A 54 -10.32 6.04 9.79
CA ASP A 54 -11.61 6.44 10.34
C ASP A 54 -12.54 6.87 9.22
N ASN A 55 -13.80 7.13 9.58
CA ASN A 55 -14.76 7.76 8.68
C ASN A 55 -14.90 9.24 9.04
N ALA A 56 -15.13 10.06 8.03
CA ALA A 56 -15.38 11.48 8.26
C ALA A 56 -16.49 11.93 7.34
N SER A 57 -17.41 12.72 7.87
CA SER A 57 -18.59 13.13 7.12
C SER A 57 -18.26 14.28 6.17
N LYS A 58 -18.83 14.23 4.97
CA LYS A 58 -18.70 15.28 3.98
C LYS A 58 -20.10 15.70 3.52
N MET A 59 -20.37 17.00 3.55
CA MET A 59 -21.64 17.54 3.11
C MET A 59 -21.48 18.26 1.77
N SER A 60 -22.55 18.20 0.97
CA SER A 60 -22.59 18.85 -0.34
C SER A 60 -23.89 19.60 -0.49
N ILE A 61 -23.82 20.79 -1.11
CA ILE A 61 -24.99 21.52 -1.58
C ILE A 61 -25.06 21.34 -3.09
N THR A 62 -26.19 20.85 -3.59
CA THR A 62 -26.41 20.56 -4.99
C THR A 62 -27.60 21.34 -5.55
N TYR A 63 -27.62 21.50 -6.88
CA TYR A 63 -28.72 22.12 -7.62
C TYR A 63 -29.14 21.21 -8.75
N THR A 64 -30.44 21.23 -9.08
CA THR A 64 -30.99 20.45 -10.18
C THR A 64 -31.75 21.38 -11.11
N ARG A 65 -31.35 21.40 -12.38
CA ARG A 65 -31.90 22.32 -13.37
C ARG A 65 -33.03 21.65 -14.14
N ASN A 66 -34.16 22.33 -14.25
CA ASN A 66 -35.39 21.78 -14.78
C ASN A 66 -35.46 21.99 -16.30
N ARG A 67 -36.57 21.56 -16.90
CA ARG A 67 -36.89 21.83 -18.29
C ARG A 67 -36.81 23.32 -18.57
N LYS A 68 -37.80 24.09 -18.11
CA LYS A 68 -37.85 25.53 -18.34
C LYS A 68 -37.83 26.26 -16.99
N THR A 69 -36.71 26.14 -16.29
CA THR A 69 -36.43 27.01 -15.15
C THR A 69 -35.64 28.22 -15.65
N SER A 70 -36.16 29.42 -15.41
CA SER A 70 -35.68 30.62 -16.07
C SER A 70 -34.30 31.01 -15.55
N GLN A 71 -33.77 32.12 -16.09
CA GLN A 71 -32.52 32.69 -15.60
C GLN A 71 -32.73 33.60 -14.40
N LYS A 72 -33.83 34.35 -14.38
CA LYS A 72 -34.13 35.19 -13.24
C LYS A 72 -34.51 34.37 -12.01
N GLU A 73 -35.00 33.14 -12.21
CA GLU A 73 -35.31 32.27 -11.07
C GLU A 73 -34.03 31.73 -10.44
N MET A 74 -33.15 31.15 -11.24
CA MET A 74 -31.86 30.71 -10.73
C MET A 74 -31.13 31.83 -10.01
N LEU A 75 -31.27 33.06 -10.51
CA LEU A 75 -30.67 34.20 -9.83
C LEU A 75 -31.36 34.49 -8.50
N ASN A 76 -32.65 34.19 -8.39
CA ASN A 76 -33.37 34.41 -7.13
C ASN A 76 -33.02 33.34 -6.11
N THR A 77 -33.01 32.07 -6.51
CA THR A 77 -32.60 31.01 -5.60
C THR A 77 -31.16 31.22 -5.12
N ALA A 78 -30.27 31.63 -6.03
CA ALA A 78 -28.86 31.80 -5.64
C ALA A 78 -28.69 32.96 -4.67
N LYS A 79 -29.47 34.03 -4.85
CA LYS A 79 -29.38 35.16 -3.92
C LYS A 79 -29.85 34.75 -2.52
N LYS A 80 -30.89 33.91 -2.45
CA LYS A 80 -31.32 33.37 -1.16
C LYS A 80 -30.21 32.53 -0.51
N LEU A 81 -29.45 31.79 -1.33
CA LEU A 81 -28.41 30.92 -0.80
C LEU A 81 -27.25 31.71 -0.20
N THR A 82 -26.98 32.91 -0.71
CA THR A 82 -25.86 33.70 -0.19
C THR A 82 -26.07 34.12 1.25
N ASP A 83 -27.32 34.13 1.72
CA ASP A 83 -27.60 34.37 3.13
C ASP A 83 -27.27 33.15 4.00
N LEU A 84 -27.18 31.95 3.41
CA LEU A 84 -27.00 30.73 4.17
C LEU A 84 -25.64 30.07 4.01
N ILE A 85 -24.91 30.35 2.93
CA ILE A 85 -23.58 29.78 2.73
C ILE A 85 -22.60 30.87 2.33
N LYS A 86 -21.32 30.53 2.41
CA LYS A 86 -20.23 31.32 1.88
C LYS A 86 -19.56 30.53 0.77
N MET A 87 -19.15 31.23 -0.29
CA MET A 87 -18.69 30.60 -1.52
C MET A 87 -17.25 30.99 -1.83
N ASP A 88 -16.55 30.08 -2.49
CA ASP A 88 -15.27 30.41 -3.10
C ASP A 88 -15.53 31.11 -4.43
N THR A 89 -14.95 32.30 -4.60
CA THR A 89 -15.14 33.10 -5.81
C THR A 89 -14.00 32.92 -6.82
N ASP A 90 -13.42 31.72 -6.90
CA ASP A 90 -12.60 31.32 -8.04
C ASP A 90 -13.51 30.99 -9.20
N LYS A 91 -13.12 30.02 -10.04
CA LYS A 91 -13.97 29.45 -11.10
C LYS A 91 -14.76 30.45 -11.95
N ILE A 92 -15.10 31.62 -11.39
CA ILE A 92 -15.85 32.66 -12.09
C ILE A 92 -15.00 33.21 -13.24
N THR A 93 -15.39 32.86 -14.47
CA THR A 93 -14.70 33.39 -15.64
C THR A 93 -15.19 34.81 -15.94
N GLU A 94 -14.43 35.50 -16.79
CA GLU A 94 -14.77 36.88 -17.10
C GLU A 94 -16.01 36.95 -17.99
N ARG A 95 -16.24 35.91 -18.80
CA ARG A 95 -17.55 35.75 -19.43
C ARG A 95 -18.64 35.76 -18.36
N ASP A 96 -18.46 34.96 -17.29
CA ASP A 96 -19.45 34.88 -16.22
C ASP A 96 -19.76 36.25 -15.63
N LYS A 97 -18.73 37.04 -15.35
CA LYS A 97 -18.97 38.35 -14.74
C LYS A 97 -19.66 39.30 -15.71
N LYS A 98 -19.26 39.28 -16.98
CA LYS A 98 -19.84 40.18 -17.97
C LYS A 98 -21.33 39.92 -18.13
N ASP A 99 -21.72 38.65 -18.36
CA ASP A 99 -23.13 38.29 -18.38
C ASP A 99 -23.83 38.76 -17.12
N PHE A 100 -23.31 38.32 -15.97
CA PHE A 100 -23.90 38.69 -14.69
C PHE A 100 -24.07 40.20 -14.57
N TRP A 101 -23.07 40.97 -15.01
CA TRP A 101 -23.16 42.43 -14.91
C TRP A 101 -24.38 42.98 -15.64
N ILE A 102 -24.85 42.29 -16.68
CA ILE A 102 -25.96 42.80 -17.49
C ILE A 102 -27.24 42.91 -16.66
N GLN A 103 -27.58 41.85 -15.92
CA GLN A 103 -28.76 41.91 -15.05
C GLN A 103 -28.52 42.83 -13.87
N MET A 104 -27.31 42.80 -13.30
CA MET A 104 -27.01 43.57 -12.10
C MET A 104 -26.79 45.04 -12.42
N TYR A 105 -27.59 45.54 -13.37
CA TYR A 105 -27.96 46.92 -13.62
C TYR A 105 -28.33 47.02 -15.10
N PRO A 106 -29.60 46.79 -15.44
CA PRO A 106 -30.01 46.90 -16.84
C PRO A 106 -29.87 48.31 -17.40
N SER A 107 -30.15 49.37 -16.65
CA SER A 107 -30.08 50.65 -17.36
C SER A 107 -28.68 51.27 -17.37
N SER A 108 -27.62 50.58 -16.86
CA SER A 108 -26.29 50.81 -17.44
C SER A 108 -26.16 50.11 -18.80
N ALA A 109 -26.46 48.81 -18.88
CA ALA A 109 -26.34 48.12 -20.15
C ALA A 109 -27.13 48.84 -21.24
N LYS A 110 -28.31 49.35 -20.89
CA LYS A 110 -29.10 50.14 -21.85
C LYS A 110 -28.41 51.45 -22.22
N LYS A 111 -27.78 52.12 -21.26
CA LYS A 111 -27.02 53.33 -21.59
C LYS A 111 -25.80 53.02 -22.43
N LEU A 112 -25.31 51.77 -22.39
CA LEU A 112 -24.13 51.35 -23.12
C LEU A 112 -24.40 51.07 -24.60
N MET A 113 -25.64 50.75 -24.96
CA MET A 113 -26.01 50.33 -26.31
C MET A 113 -27.19 51.15 -26.82
N ARG A 114 -27.11 52.47 -26.67
CA ARG A 114 -28.12 53.35 -27.26
C ARG A 114 -28.21 53.14 -28.77
N LYS A 115 -27.09 53.31 -29.47
CA LYS A 115 -27.10 53.21 -30.93
C LYS A 115 -27.40 51.79 -31.39
N GLU A 116 -26.80 50.80 -30.74
CA GLU A 116 -26.95 49.43 -31.22
C GLU A 116 -28.37 48.91 -31.02
N GLN A 117 -29.04 49.35 -29.96
CA GLN A 117 -30.40 48.88 -29.71
C GLN A 117 -31.34 49.38 -30.80
N LEU A 118 -31.07 50.57 -31.33
CA LEU A 118 -31.84 51.08 -32.47
C LEU A 118 -31.59 50.27 -33.74
N MET A 119 -30.33 49.90 -34.02
CA MET A 119 -30.09 49.03 -35.17
C MET A 119 -30.75 47.67 -34.98
N LEU A 120 -30.68 47.11 -33.76
CA LEU A 120 -31.36 45.85 -33.48
C LEU A 120 -32.85 45.95 -33.79
N GLU A 121 -33.49 47.05 -33.40
CA GLU A 121 -34.92 47.23 -33.62
C GLU A 121 -35.23 47.49 -35.09
N ASP A 122 -34.33 48.18 -35.81
CA ASP A 122 -34.48 48.31 -37.25
C ASP A 122 -34.28 46.99 -37.98
N GLY A 123 -33.71 45.97 -37.32
CA GLY A 123 -33.39 44.74 -38.01
C GLY A 123 -32.12 44.80 -38.82
N SER A 124 -31.24 45.76 -38.55
CA SER A 124 -30.00 45.85 -39.29
C SER A 124 -28.85 45.11 -38.62
N ILE A 125 -28.97 44.79 -37.33
CA ILE A 125 -28.09 43.81 -36.72
C ILE A 125 -28.95 42.74 -36.05
N SER A 126 -28.32 41.61 -35.76
CA SER A 126 -28.94 40.48 -35.09
C SER A 126 -28.70 40.54 -33.59
N GLN A 127 -29.49 39.77 -32.84
CA GLN A 127 -29.26 39.65 -31.40
C GLN A 127 -27.85 39.14 -31.13
N ASP A 128 -27.40 38.15 -31.90
CA ASP A 128 -26.03 37.66 -31.83
C ASP A 128 -25.02 38.80 -31.91
N GLN A 129 -25.06 39.56 -33.01
CA GLN A 129 -24.15 40.70 -33.16
C GLN A 129 -24.29 41.65 -31.97
N PHE A 130 -25.54 41.91 -31.56
CA PHE A 130 -25.77 42.82 -30.44
C PHE A 130 -25.13 42.31 -29.16
N ASP A 131 -25.33 41.03 -28.84
CA ASP A 131 -24.77 40.49 -27.61
C ASP A 131 -23.26 40.61 -27.61
N THR A 132 -22.61 40.08 -28.66
CA THR A 132 -21.16 40.15 -28.78
C THR A 132 -20.65 41.56 -28.57
N GLN A 133 -21.30 42.54 -29.19
CA GLN A 133 -20.82 43.92 -29.09
C GLN A 133 -21.04 44.48 -27.70
N LEU A 134 -22.08 44.05 -26.99
CA LEU A 134 -22.29 44.54 -25.62
C LEU A 134 -21.21 44.00 -24.70
N ARG A 135 -20.96 42.69 -24.76
CA ARG A 135 -19.89 42.12 -23.94
C ARG A 135 -18.51 42.51 -24.43
N ASP A 136 -18.39 43.10 -25.62
CA ASP A 136 -17.16 43.80 -26.00
C ASP A 136 -17.04 45.16 -25.33
N LYS A 137 -18.10 45.66 -24.71
CA LYS A 137 -18.21 47.08 -24.42
C LYS A 137 -17.92 47.46 -22.98
N ILE A 138 -17.47 46.52 -22.13
CA ILE A 138 -17.04 46.94 -20.80
C ILE A 138 -16.10 45.92 -20.18
N GLY A 139 -15.16 46.42 -19.40
CA GLY A 139 -14.21 45.69 -18.58
C GLY A 139 -13.49 46.74 -17.76
N LYS A 140 -13.57 47.99 -18.24
CA LYS A 140 -12.99 49.17 -17.61
C LYS A 140 -13.66 49.42 -16.25
N LYS A 141 -13.51 50.63 -15.72
CA LYS A 141 -13.95 51.04 -14.39
C LYS A 141 -15.36 50.59 -14.04
N GLN A 142 -16.12 50.11 -15.03
CA GLN A 142 -17.52 49.77 -14.82
C GLN A 142 -17.78 48.28 -15.06
N LEU A 143 -16.78 47.44 -14.76
CA LEU A 143 -17.02 46.06 -14.35
C LEU A 143 -16.74 45.86 -12.87
N LYS A 144 -15.99 46.78 -12.26
CA LYS A 144 -15.70 46.87 -10.85
C LYS A 144 -16.91 47.32 -10.06
N GLN A 145 -18.07 47.39 -10.71
CA GLN A 145 -19.34 47.65 -10.03
C GLN A 145 -19.87 46.43 -9.30
N LEU A 146 -19.13 45.33 -9.29
CA LEU A 146 -19.60 44.07 -8.73
C LEU A 146 -19.20 43.98 -7.26
N THR A 147 -20.16 44.20 -6.36
CA THR A 147 -19.92 44.13 -4.93
C THR A 147 -19.65 42.69 -4.49
N LYS A 148 -19.07 42.56 -3.30
CA LYS A 148 -18.63 41.27 -2.78
C LYS A 148 -19.78 40.26 -2.73
N LYS A 149 -21.00 40.72 -2.46
CA LYS A 149 -22.16 39.83 -2.47
C LYS A 149 -22.55 39.45 -3.90
N ASP A 150 -22.34 40.34 -4.86
CA ASP A 150 -22.56 39.98 -6.27
C ASP A 150 -21.71 38.78 -6.66
N LEU A 151 -20.41 38.83 -6.33
CA LEU A 151 -19.55 37.69 -6.58
C LEU A 151 -20.03 36.44 -5.84
N GLN A 152 -20.67 36.62 -4.69
CA GLN A 152 -21.25 35.48 -3.99
C GLN A 152 -22.39 34.87 -4.80
N VAL A 153 -23.36 35.69 -5.21
CA VAL A 153 -24.49 35.17 -6.00
C VAL A 153 -24.00 34.54 -7.29
N LEU A 154 -23.00 35.16 -7.93
CA LEU A 154 -22.52 34.65 -9.21
C LEU A 154 -21.75 33.34 -9.06
N ALA A 155 -21.02 33.19 -7.95
CA ALA A 155 -20.31 31.93 -7.72
C ALA A 155 -21.27 30.76 -7.64
N ILE A 156 -22.49 30.99 -7.15
CA ILE A 156 -23.51 29.94 -7.12
C ILE A 156 -24.21 29.84 -8.46
N TYR A 157 -24.51 31.00 -9.08
CA TYR A 157 -25.17 30.99 -10.39
C TYR A 157 -24.36 30.22 -11.40
N ARG A 158 -23.03 30.43 -11.42
CA ARG A 158 -22.19 29.78 -12.42
C ARG A 158 -22.24 28.26 -12.29
N GLU A 159 -22.42 27.73 -11.07
CA GLU A 159 -22.55 26.29 -10.92
C GLU A 159 -23.95 25.79 -11.23
N MET A 160 -24.97 26.65 -11.05
CA MET A 160 -26.32 26.21 -11.40
C MET A 160 -26.47 26.01 -12.91
N ASN A 161 -25.75 26.79 -13.71
CA ASN A 161 -25.64 26.54 -15.15
C ASN A 161 -24.37 25.75 -15.40
N ALA A 162 -24.48 24.43 -15.51
CA ALA A 162 -23.33 23.66 -15.94
C ALA A 162 -23.65 22.60 -16.99
N GLY A 163 -24.91 22.28 -17.23
CA GLY A 163 -25.31 21.27 -18.19
C GLY A 163 -26.62 20.67 -17.73
N SER A 164 -27.74 21.17 -18.27
CA SER A 164 -29.07 21.02 -17.66
C SER A 164 -29.58 19.59 -17.59
N THR A 165 -30.89 19.42 -17.73
CA THR A 165 -31.57 18.16 -17.41
C THR A 165 -31.40 17.83 -15.93
N LEU A 166 -32.20 16.90 -15.42
CA LEU A 166 -32.31 16.69 -13.97
C LEU A 166 -31.03 16.16 -13.34
N ASP A 167 -29.92 16.23 -14.05
CA ASP A 167 -28.64 15.85 -13.48
C ASP A 167 -28.20 16.90 -12.46
N PRO A 168 -27.90 16.54 -11.23
CA PRO A 168 -27.61 17.54 -10.18
C PRO A 168 -26.18 18.07 -10.29
N GLN A 169 -26.06 19.39 -10.40
CA GLN A 169 -24.78 20.07 -10.32
C GLN A 169 -24.49 20.42 -8.87
N THR A 170 -23.21 20.38 -8.50
CA THR A 170 -22.85 20.68 -7.12
C THR A 170 -22.50 22.15 -7.01
N ILE A 171 -23.04 22.80 -5.98
CA ILE A 171 -22.71 24.18 -5.68
C ILE A 171 -21.49 24.28 -4.79
N LYS A 172 -21.37 23.40 -3.79
CA LYS A 172 -20.25 23.45 -2.87
C LYS A 172 -20.00 22.08 -2.27
N ASN A 173 -18.72 21.66 -2.29
CA ASN A 173 -18.26 20.37 -1.80
C ASN A 173 -17.25 20.51 -0.66
N GLU A 174 -16.12 21.15 -0.92
CA GLU A 174 -15.13 21.36 0.11
C GLU A 174 -15.59 22.46 1.06
N ASP A 175 -15.29 22.27 2.34
CA ASP A 175 -15.49 23.29 3.37
C ASP A 175 -16.97 23.60 3.64
N VAL A 176 -17.87 22.66 3.36
CA VAL A 176 -19.27 22.84 3.73
C VAL A 176 -19.40 22.66 5.24
N SER A 177 -19.71 23.72 5.95
CA SER A 177 -19.82 23.65 7.40
C SER A 177 -21.18 23.10 7.82
N GLU A 178 -21.26 22.68 9.09
CA GLU A 178 -22.52 22.18 9.63
C GLU A 178 -23.55 23.30 9.80
N LYS A 179 -23.09 24.51 10.14
CA LYS A 179 -23.99 25.64 10.19
C LYS A 179 -24.65 25.87 8.82
N GLU A 180 -23.87 25.73 7.74
CA GLU A 180 -24.41 25.97 6.41
C GLU A 180 -25.31 24.83 5.98
N TYR A 181 -24.87 23.60 6.22
CA TYR A 181 -25.67 22.43 5.90
C TYR A 181 -27.03 22.49 6.56
N ALA A 182 -27.07 22.90 7.83
CA ALA A 182 -28.32 22.98 8.56
C ALA A 182 -29.20 24.10 8.01
N ALA A 183 -28.62 25.30 7.86
CA ALA A 183 -29.40 26.44 7.41
C ALA A 183 -30.03 26.18 6.04
N VAL A 184 -29.34 25.45 5.17
CA VAL A 184 -29.88 25.19 3.83
C VAL A 184 -30.88 24.05 3.85
N SER A 185 -30.59 22.99 4.63
CA SER A 185 -31.48 21.84 4.70
C SER A 185 -32.87 22.25 5.17
N GLN A 186 -32.93 23.09 6.21
CA GLN A 186 -34.21 23.53 6.73
C GLN A 186 -34.89 24.56 5.84
N GLN A 187 -34.26 24.96 4.74
CA GLN A 187 -34.76 25.99 3.85
C GLN A 187 -35.09 25.44 2.46
N LEU A 188 -35.04 24.12 2.28
CA LEU A 188 -35.18 23.53 0.95
C LEU A 188 -36.54 23.81 0.32
N SER A 189 -37.60 23.86 1.12
CA SER A 189 -38.93 24.22 0.60
C SER A 189 -38.97 25.62 0.02
N LYS A 190 -38.03 26.49 0.38
CA LYS A 190 -37.94 27.82 -0.19
C LYS A 190 -36.84 27.95 -1.24
N LEU A 191 -36.20 26.83 -1.61
CA LEU A 191 -35.01 26.83 -2.46
C LEU A 191 -35.21 25.79 -3.57
N PRO A 192 -36.02 26.12 -4.59
CA PRO A 192 -36.39 25.10 -5.60
C PRO A 192 -35.19 24.65 -6.42
N GLY A 193 -35.00 23.34 -6.50
CA GLY A 193 -33.86 22.74 -7.18
C GLY A 193 -32.67 22.45 -6.28
N VAL A 194 -32.61 23.07 -5.09
CA VAL A 194 -31.47 22.93 -4.19
C VAL A 194 -31.63 21.69 -3.34
N ASN A 195 -30.50 21.07 -2.99
CA ASN A 195 -30.51 19.90 -2.14
C ASN A 195 -29.23 19.84 -1.31
N THR A 196 -29.28 19.04 -0.26
CA THR A 196 -28.13 18.79 0.59
C THR A 196 -27.95 17.28 0.73
N THR A 197 -26.69 16.85 0.74
CA THR A 197 -26.34 15.46 0.92
C THR A 197 -25.31 15.30 2.03
N MET A 198 -25.38 14.16 2.69
CA MET A 198 -24.42 13.76 3.71
C MET A 198 -23.73 12.50 3.23
N ASP A 199 -22.41 12.54 3.16
CA ASP A 199 -21.67 11.37 2.72
C ASP A 199 -20.43 11.19 3.60
N TRP A 200 -19.94 9.97 3.63
CA TRP A 200 -18.79 9.60 4.44
C TRP A 200 -17.58 9.32 3.54
N ASP A 201 -16.40 9.69 4.02
CA ASP A 201 -15.15 9.34 3.36
C ASP A 201 -14.17 8.87 4.42
N ARG A 202 -13.19 8.06 3.99
CA ARG A 202 -12.16 7.60 4.89
C ARG A 202 -11.28 8.77 5.32
N LYS A 203 -10.89 8.77 6.59
CA LYS A 203 -10.02 9.77 7.16
C LYS A 203 -8.74 9.07 7.64
N TYR A 204 -7.59 9.70 7.42
CA TYR A 204 -6.28 9.09 7.68
C TYR A 204 -5.50 9.97 8.65
N PRO A 205 -5.71 9.78 9.96
CA PRO A 205 -5.06 10.66 10.95
C PRO A 205 -3.54 10.71 10.84
N TYR A 206 -2.89 9.66 10.32
CA TYR A 206 -1.43 9.67 10.23
C TYR A 206 -0.92 10.06 8.85
N GLY A 207 -1.79 10.60 7.98
CA GLY A 207 -1.32 11.21 6.74
C GLY A 207 -1.03 10.18 5.66
N ASP A 208 0.19 10.21 5.12
CA ASP A 208 0.59 9.30 4.05
C ASP A 208 0.99 7.91 4.56
N THR A 209 1.43 7.81 5.81
CA THR A 209 1.93 6.56 6.36
C THR A 209 1.01 5.39 6.05
N LEU A 210 1.54 4.42 5.32
CA LEU A 210 0.90 3.13 5.08
C LEU A 210 -0.35 3.23 4.21
N ARG A 211 -0.56 4.34 3.48
CA ARG A 211 -1.79 4.47 2.70
C ARG A 211 -1.88 3.40 1.62
N GLY A 212 -0.75 3.04 1.03
CA GLY A 212 -0.75 1.97 0.03
C GLY A 212 -1.15 0.62 0.60
N ILE A 213 -0.82 0.35 1.86
CA ILE A 213 -1.23 -0.90 2.50
C ILE A 213 -2.70 -0.86 2.90
N PHE A 214 -3.18 0.31 3.37
CA PHE A 214 -4.59 0.40 3.77
C PHE A 214 -5.51 0.19 2.59
N GLY A 215 -5.15 0.70 1.42
CA GLY A 215 -6.04 0.59 0.29
C GLY A 215 -7.11 1.67 0.28
N ASP A 216 -8.04 1.50 -0.66
CA ASP A 216 -9.06 2.50 -0.92
C ASP A 216 -10.43 1.83 -0.93
N VAL A 217 -11.47 2.61 -0.67
CA VAL A 217 -12.82 2.15 -0.95
C VAL A 217 -13.34 2.98 -2.12
N SER A 218 -14.28 2.39 -2.86
CA SER A 218 -14.81 3.05 -4.06
C SER A 218 -15.59 4.31 -3.70
N THR A 219 -15.58 5.28 -4.63
CA THR A 219 -15.99 6.65 -4.37
C THR A 219 -17.48 6.92 -4.60
N SER A 220 -18.36 5.93 -4.45
CA SER A 220 -19.81 6.12 -4.49
C SER A 220 -20.31 6.53 -5.89
N THR A 221 -19.77 7.62 -6.45
CA THR A 221 -19.90 7.84 -7.89
C THR A 221 -19.36 6.65 -8.67
N GLU A 222 -18.40 5.93 -8.10
CA GLU A 222 -17.86 4.72 -8.70
C GLU A 222 -18.81 3.55 -8.53
N GLY A 223 -19.26 3.30 -7.30
CA GLY A 223 -19.79 1.97 -7.04
C GLY A 223 -18.67 0.95 -7.19
N ILE A 224 -19.05 -0.32 -7.31
CA ILE A 224 -18.03 -1.36 -7.42
C ILE A 224 -17.32 -1.22 -8.77
N PRO A 225 -15.99 -1.15 -8.80
CA PRO A 225 -15.29 -0.92 -10.08
C PRO A 225 -15.43 -2.11 -11.01
N LYS A 226 -15.32 -1.82 -12.31
CA LYS A 226 -15.58 -2.83 -13.34
C LYS A 226 -14.66 -4.04 -13.20
N GLU A 227 -13.40 -3.79 -12.86
CA GLU A 227 -12.42 -4.86 -12.70
C GLU A 227 -12.83 -5.86 -11.62
N LEU A 228 -13.60 -5.39 -10.62
CA LEU A 228 -13.96 -6.21 -9.47
C LEU A 228 -15.41 -6.68 -9.52
N THR A 229 -16.24 -6.09 -10.39
CA THR A 229 -17.62 -6.49 -10.64
C THR A 229 -17.74 -7.99 -10.84
N GLU A 230 -18.95 -8.53 -10.65
CA GLU A 230 -19.29 -9.95 -10.75
C GLU A 230 -18.85 -10.66 -9.48
N GLN A 231 -17.55 -10.58 -9.18
CA GLN A 231 -17.04 -11.06 -7.90
C GLN A 231 -17.80 -10.46 -6.73
N TYR A 232 -18.12 -9.16 -6.79
CA TYR A 232 -18.92 -8.55 -5.74
C TYR A 232 -20.41 -8.85 -5.92
N LEU A 233 -20.88 -8.95 -7.18
CA LEU A 233 -22.27 -9.29 -7.43
C LEU A 233 -22.58 -10.73 -7.04
N SER A 234 -21.60 -11.63 -7.14
CA SER A 234 -21.81 -13.02 -6.74
C SER A 234 -21.97 -13.18 -5.23
N LYS A 235 -21.66 -12.15 -4.45
CA LYS A 235 -21.86 -12.16 -3.00
C LYS A 235 -23.15 -11.45 -2.59
N GLY A 236 -23.90 -10.89 -3.54
CA GLY A 236 -25.16 -10.25 -3.22
C GLY A 236 -25.09 -8.76 -3.05
N TYR A 237 -24.01 -8.10 -3.49
CA TYR A 237 -23.91 -6.66 -3.40
C TYR A 237 -24.50 -6.01 -4.65
N SER A 238 -24.60 -4.68 -4.62
CA SER A 238 -25.17 -3.92 -5.72
C SER A 238 -24.11 -3.02 -6.36
N ARG A 239 -24.36 -2.67 -7.63
CA ARG A 239 -23.46 -1.78 -8.35
C ARG A 239 -23.36 -0.41 -7.72
N ASN A 240 -24.32 -0.03 -6.87
CA ASN A 240 -24.29 1.25 -6.18
C ASN A 240 -23.39 1.23 -4.95
N ASP A 241 -23.17 0.04 -4.36
CA ASP A 241 -22.45 -0.08 -3.10
C ASP A 241 -21.01 0.43 -3.21
N ARG A 242 -20.53 1.03 -2.12
CA ARG A 242 -19.12 1.38 -1.98
C ARG A 242 -18.38 0.22 -1.33
N VAL A 243 -17.28 -0.21 -1.95
CA VAL A 243 -16.60 -1.42 -1.51
C VAL A 243 -15.09 -1.19 -1.43
N GLY A 244 -14.43 -2.11 -0.73
CA GLY A 244 -12.99 -2.17 -0.72
C GLY A 244 -12.42 -2.42 -2.10
N LYS A 245 -11.58 -1.51 -2.57
CA LYS A 245 -10.99 -1.60 -3.89
C LYS A 245 -9.64 -2.30 -3.90
N SER A 246 -8.85 -2.15 -2.84
CA SER A 246 -7.47 -2.64 -2.87
C SER A 246 -6.95 -2.92 -1.46
N TYR A 247 -6.02 -3.87 -1.39
CA TYR A 247 -5.21 -4.21 -0.21
C TYR A 247 -6.11 -4.37 1.01
N LEU A 248 -5.84 -3.70 2.14
CA LEU A 248 -6.56 -4.04 3.37
C LEU A 248 -8.06 -3.86 3.21
N GLU A 249 -8.49 -2.69 2.71
CA GLU A 249 -9.93 -2.46 2.52
C GLU A 249 -10.56 -3.59 1.73
N TYR A 250 -9.86 -4.06 0.68
CA TYR A 250 -10.35 -5.18 -0.11
C TYR A 250 -10.26 -6.47 0.66
N GLN A 251 -9.09 -6.73 1.27
CA GLN A 251 -8.87 -8.00 1.97
C GLN A 251 -9.91 -8.24 3.05
N TYR A 252 -10.20 -7.20 3.84
CA TYR A 252 -11.07 -7.37 5.00
C TYR A 252 -12.43 -6.72 4.78
N GLU A 253 -12.79 -6.53 3.52
CA GLU A 253 -14.04 -5.89 3.10
C GLU A 253 -15.25 -6.41 3.86
N ASP A 254 -15.36 -7.72 4.08
CA ASP A 254 -16.61 -8.18 4.67
C ASP A 254 -16.59 -8.27 6.19
N VAL A 255 -15.48 -7.94 6.84
CA VAL A 255 -15.59 -7.61 8.25
C VAL A 255 -15.79 -6.11 8.43
N LEU A 256 -15.24 -5.30 7.51
CA LEU A 256 -15.30 -3.85 7.63
C LEU A 256 -16.63 -3.27 7.16
N LYS A 257 -17.34 -3.99 6.29
CA LYS A 257 -18.65 -3.54 5.84
C LYS A 257 -19.67 -3.79 6.95
N GLY A 258 -20.67 -2.93 7.01
CA GLY A 258 -21.72 -3.12 7.99
C GLY A 258 -22.74 -4.13 7.52
N THR A 259 -23.74 -4.33 8.37
CA THR A 259 -24.96 -5.00 7.96
C THR A 259 -25.99 -3.91 7.67
N LYS A 260 -26.44 -3.86 6.42
CA LYS A 260 -27.32 -2.78 5.98
C LYS A 260 -28.67 -2.85 6.69
N LYS A 261 -29.23 -1.67 6.98
CA LYS A 261 -30.57 -1.59 7.54
C LYS A 261 -31.60 -1.91 6.47
N GLN A 262 -32.49 -2.87 6.76
CA GLN A 262 -33.46 -3.38 5.79
C GLN A 262 -34.86 -3.26 6.36
N MET A 263 -35.70 -2.44 5.73
CA MET A 263 -37.10 -2.25 6.09
C MET A 263 -37.99 -2.95 5.07
N LYS A 264 -39.07 -3.56 5.56
CA LYS A 264 -40.08 -4.18 4.70
C LYS A 264 -41.40 -3.45 4.87
N TYR A 265 -42.03 -3.10 3.75
CA TYR A 265 -43.32 -2.42 3.75
C TYR A 265 -44.35 -3.25 2.99
N THR A 266 -45.60 -3.17 3.45
CA THR A 266 -46.72 -3.85 2.79
C THR A 266 -47.79 -2.80 2.49
N THR A 267 -47.96 -2.47 1.22
CA THR A 267 -48.94 -1.49 0.78
C THR A 267 -50.03 -2.16 -0.04
N ASP A 268 -50.94 -1.35 -0.59
CA ASP A 268 -52.10 -1.85 -1.31
C ASP A 268 -52.53 -0.79 -2.33
N LYS A 269 -53.65 -1.07 -3.01
CA LYS A 269 -54.34 -0.17 -3.93
C LYS A 269 -53.44 0.88 -4.57
N SER A 270 -53.30 2.05 -3.93
CA SER A 270 -52.49 3.13 -4.47
C SER A 270 -51.11 3.23 -3.82
N GLY A 271 -50.88 2.55 -2.70
CA GLY A 271 -49.55 2.52 -2.11
C GLY A 271 -49.47 2.83 -0.64
N ARG A 272 -50.61 2.94 0.03
CA ARG A 272 -50.64 3.30 1.44
C ARG A 272 -50.08 2.16 2.29
N VAL A 273 -49.06 2.45 3.09
CA VAL A 273 -48.45 1.41 3.92
C VAL A 273 -49.42 1.05 5.04
N ILE A 274 -49.75 -0.24 5.14
CA ILE A 274 -50.59 -0.74 6.23
C ILE A 274 -49.78 -1.46 7.29
N SER A 275 -48.55 -1.88 6.99
CA SER A 275 -47.69 -2.55 7.95
C SER A 275 -46.25 -2.21 7.63
N SER A 276 -45.49 -1.83 8.65
CA SER A 276 -44.06 -1.56 8.54
C SER A 276 -43.28 -2.66 9.27
N GLU A 277 -42.21 -3.12 8.64
CA GLU A 277 -41.40 -4.21 9.17
C GLU A 277 -39.94 -3.79 9.20
N VAL A 278 -39.26 -4.10 10.29
CA VAL A 278 -37.82 -3.86 10.41
C VAL A 278 -37.14 -5.23 10.32
N LEU A 279 -36.71 -5.57 9.11
CA LEU A 279 -36.01 -6.84 8.92
C LEU A 279 -34.70 -6.85 9.70
N ASN A 280 -33.89 -5.81 9.53
CA ASN A 280 -32.61 -5.69 10.23
C ASN A 280 -32.40 -4.23 10.57
N PRO A 281 -32.16 -3.89 11.84
CA PRO A 281 -31.90 -2.48 12.19
C PRO A 281 -30.64 -1.92 11.58
N GLY A 282 -29.66 -2.76 11.25
CA GLY A 282 -28.38 -2.26 10.74
C GLY A 282 -27.34 -2.12 11.84
N SER A 283 -26.09 -2.33 11.45
CA SER A 283 -24.97 -2.22 12.39
C SER A 283 -23.76 -1.72 11.65
N ARG A 284 -22.94 -0.91 12.31
CA ARG A 284 -21.71 -0.47 11.70
C ARG A 284 -20.75 -1.65 11.52
N GLY A 285 -19.75 -1.44 10.65
CA GLY A 285 -18.77 -2.48 10.44
C GLY A 285 -17.95 -2.77 11.68
N HIS A 286 -17.39 -3.98 11.69
CA HIS A 286 -16.44 -4.37 12.71
C HIS A 286 -15.15 -3.57 12.58
N ASP A 287 -14.61 -3.13 13.72
CA ASP A 287 -13.28 -2.54 13.71
C ASP A 287 -12.25 -3.64 13.47
N LEU A 288 -11.18 -3.30 12.77
CA LEU A 288 -10.08 -4.21 12.47
C LEU A 288 -8.82 -3.65 13.11
N GLN A 289 -8.19 -4.44 13.98
CA GLN A 289 -6.95 -4.03 14.64
C GLN A 289 -5.79 -4.73 13.95
N LEU A 290 -4.76 -3.96 13.60
CA LEU A 290 -3.58 -4.45 12.91
C LEU A 290 -2.45 -4.76 13.89
N THR A 291 -1.49 -5.55 13.40
CA THR A 291 -0.26 -5.85 14.13
C THR A 291 0.70 -4.67 14.15
N ILE A 292 0.53 -3.72 13.22
CA ILE A 292 1.40 -2.55 13.13
C ILE A 292 1.45 -1.80 14.45
N ASP A 293 2.65 -1.39 14.86
CA ASP A 293 2.84 -0.36 15.89
C ASP A 293 3.16 0.95 15.16
N ILE A 294 2.18 1.86 15.13
CA ILE A 294 2.32 3.04 14.26
C ILE A 294 3.53 3.89 14.65
N ASP A 295 3.92 3.88 15.93
CA ASP A 295 5.11 4.65 16.30
C ASP A 295 6.39 3.98 15.78
N LEU A 296 6.43 2.64 15.81
CA LEU A 296 7.57 1.96 15.20
C LEU A 296 7.57 2.21 13.70
N GLN A 297 6.40 2.14 13.08
CA GLN A 297 6.29 2.43 11.65
C GLN A 297 6.82 3.81 11.32
N LYS A 298 6.43 4.84 12.09
CA LYS A 298 6.94 6.18 11.78
C LYS A 298 8.44 6.27 11.98
N LYS A 299 8.96 5.58 13.02
CA LYS A 299 10.40 5.61 13.27
C LYS A 299 11.17 4.87 12.18
N VAL A 300 10.65 3.73 11.73
CA VAL A 300 11.27 2.99 10.64
C VAL A 300 11.31 3.84 9.38
N GLU A 301 10.19 4.50 9.06
CA GLU A 301 10.13 5.36 7.90
C GLU A 301 11.14 6.50 8.00
N SER A 302 11.30 7.07 9.20
CA SER A 302 12.27 8.15 9.37
C SER A 302 13.71 7.63 9.29
N LEU A 303 13.98 6.46 9.86
CA LEU A 303 15.34 5.93 9.72
C LEU A 303 15.62 5.54 8.27
N LEU A 304 14.62 5.03 7.57
CA LEU A 304 14.82 4.61 6.19
C LEU A 304 15.20 5.80 5.31
N GLU A 305 14.49 6.93 5.45
CA GLU A 305 14.84 8.11 4.65
C GLU A 305 16.22 8.64 5.03
N LYS A 306 16.55 8.64 6.32
CA LYS A 306 17.91 9.05 6.70
C LYS A 306 18.95 8.10 6.15
N GLN A 307 18.63 6.80 6.07
CA GLN A 307 19.64 5.87 5.56
C GLN A 307 19.80 6.02 4.04
N ILE A 308 18.69 6.20 3.33
CA ILE A 308 18.76 6.45 1.88
C ILE A 308 19.63 7.66 1.61
N SER A 309 19.39 8.74 2.35
CA SER A 309 20.12 9.97 2.13
C SER A 309 21.59 9.79 2.46
N LYS A 310 21.89 9.09 3.56
CA LYS A 310 23.28 8.79 3.90
C LYS A 310 23.96 7.90 2.85
N LEU A 311 23.23 6.90 2.32
CA LEU A 311 23.83 6.05 1.30
C LEU A 311 24.10 6.85 0.03
N ARG A 312 23.18 7.74 -0.35
CA ARG A 312 23.38 8.59 -1.52
C ARG A 312 24.64 9.45 -1.37
N SER A 313 24.78 10.12 -0.23
CA SER A 313 25.99 10.92 -0.04
C SER A 313 27.25 10.07 0.01
N GLN A 314 27.12 8.74 0.04
CA GLN A 314 28.28 7.87 0.00
C GLN A 314 28.54 7.30 -1.38
N GLY A 315 27.82 7.76 -2.40
CA GLY A 315 28.00 7.28 -3.77
C GLY A 315 26.83 6.54 -4.37
N ALA A 316 25.80 6.18 -3.60
CA ALA A 316 24.76 5.26 -4.08
C ALA A 316 23.62 6.05 -4.73
N LYS A 317 23.96 6.84 -5.74
CA LYS A 317 22.97 7.74 -6.31
C LYS A 317 22.13 7.11 -7.41
N ASP A 318 22.41 5.84 -7.78
CA ASP A 318 21.49 5.08 -8.62
C ASP A 318 20.59 4.13 -7.85
N MET A 319 20.84 3.92 -6.55
CA MET A 319 19.97 3.09 -5.72
C MET A 319 18.53 3.53 -5.90
N ASP A 320 17.66 2.60 -6.27
CA ASP A 320 16.33 3.01 -6.66
C ASP A 320 15.21 2.33 -5.88
N ASN A 321 15.50 1.35 -5.02
CA ASN A 321 14.53 0.85 -4.06
C ASN A 321 15.20 0.64 -2.70
N ALA A 322 14.42 0.82 -1.64
CA ALA A 322 14.90 0.58 -0.29
C ALA A 322 13.71 0.11 0.51
N LEU A 323 13.76 -1.13 1.03
CA LEU A 323 12.61 -1.80 1.62
C LEU A 323 13.01 -2.45 2.94
N MET A 324 12.09 -2.45 3.90
CA MET A 324 12.33 -3.09 5.19
C MET A 324 11.04 -3.68 5.72
N VAL A 325 11.12 -4.92 6.23
CA VAL A 325 10.03 -5.57 6.95
C VAL A 325 10.50 -5.78 8.39
N VAL A 326 9.61 -5.55 9.36
CA VAL A 326 9.92 -5.83 10.76
C VAL A 326 8.83 -6.71 11.32
N GLN A 327 9.21 -7.88 11.83
CA GLN A 327 8.24 -8.81 12.39
C GLN A 327 8.55 -9.13 13.84
N ASN A 328 7.55 -9.72 14.50
CA ASN A 328 7.82 -10.53 15.69
C ASN A 328 7.96 -11.96 15.20
N PRO A 329 9.15 -12.56 15.25
CA PRO A 329 9.33 -13.92 14.66
C PRO A 329 8.57 -15.01 15.40
N LYS A 330 8.10 -14.76 16.61
CA LYS A 330 7.39 -15.81 17.34
C LYS A 330 5.96 -15.98 16.88
N ASN A 331 5.36 -14.95 16.26
CA ASN A 331 3.96 -15.06 15.92
C ASN A 331 3.63 -14.50 14.54
N GLY A 332 4.62 -14.08 13.75
CA GLY A 332 4.37 -13.61 12.42
C GLY A 332 3.86 -12.20 12.32
N ASP A 333 3.56 -11.53 13.46
CA ASP A 333 3.07 -10.14 13.48
C ASP A 333 3.99 -9.26 12.65
N ILE A 334 3.40 -8.45 11.80
CA ILE A 334 4.15 -7.45 11.06
C ILE A 334 4.08 -6.15 11.84
N LEU A 335 5.19 -5.76 12.44
CA LEU A 335 5.25 -4.61 13.33
C LEU A 335 5.46 -3.30 12.57
N ALA A 336 6.17 -3.37 11.45
CA ALA A 336 6.40 -2.25 10.55
C ALA A 336 6.71 -2.80 9.17
N ILE A 337 6.34 -2.06 8.14
CA ILE A 337 6.61 -2.49 6.77
C ILE A 337 6.68 -1.24 5.91
N ALA A 338 7.83 -1.02 5.29
CA ALA A 338 8.11 0.27 4.67
C ALA A 338 8.95 0.05 3.42
N GLY A 339 8.68 0.85 2.39
CA GLY A 339 9.50 0.82 1.19
C GLY A 339 9.44 2.16 0.49
N LYS A 340 10.53 2.49 -0.20
CA LYS A 340 10.63 3.70 -0.98
C LYS A 340 11.18 3.37 -2.37
N GLN A 341 10.61 3.96 -3.41
CA GLN A 341 11.28 4.09 -4.69
C GLN A 341 12.01 5.43 -4.71
N ILE A 342 13.19 5.44 -5.33
CA ILE A 342 14.13 6.55 -5.28
C ILE A 342 14.53 6.88 -6.71
N ASP A 343 14.41 8.16 -7.10
CA ASP A 343 14.82 8.56 -8.44
C ASP A 343 16.25 9.07 -8.39
N LYS A 344 16.79 9.45 -9.55
CA LYS A 344 18.21 9.78 -9.63
C LYS A 344 18.58 10.99 -8.78
N GLN A 345 17.60 11.82 -8.40
CA GLN A 345 17.84 12.94 -7.51
C GLN A 345 17.50 12.65 -6.06
N GLY A 346 17.11 11.41 -5.75
CA GLY A 346 16.85 11.06 -4.37
C GLY A 346 15.49 11.47 -3.87
N LYS A 347 14.58 11.83 -4.76
CA LYS A 347 13.18 12.01 -4.37
C LYS A 347 12.52 10.66 -4.18
N LEU A 348 11.71 10.57 -3.13
CA LEU A 348 11.11 9.33 -2.66
C LEU A 348 9.66 9.22 -3.10
N LYS A 349 9.26 8.00 -3.47
CA LYS A 349 7.86 7.65 -3.62
C LYS A 349 7.59 6.47 -2.70
N ASP A 350 6.44 6.51 -2.03
CA ASP A 350 6.09 5.48 -1.07
C ASP A 350 5.84 4.18 -1.82
N TYR A 351 6.42 3.09 -1.33
CA TYR A 351 6.34 1.82 -2.03
C TYR A 351 6.31 0.68 -1.01
N ASP A 352 5.41 0.80 -0.02
CA ASP A 352 5.37 -0.17 1.07
C ASP A 352 5.00 -1.56 0.56
N ILE A 353 4.09 -1.62 -0.42
CA ILE A 353 3.64 -2.90 -0.96
C ILE A 353 4.71 -3.66 -1.71
N GLY A 354 5.83 -3.03 -2.02
CA GLY A 354 6.90 -3.73 -2.73
C GLY A 354 7.51 -4.84 -1.90
N ASN A 355 7.30 -4.81 -0.58
CA ASN A 355 7.84 -5.84 0.31
C ASN A 355 7.25 -7.20 0.01
N PHE A 356 6.05 -7.27 -0.56
CA PHE A 356 5.51 -8.56 -0.93
C PHE A 356 5.02 -8.65 -2.38
N THR A 357 5.05 -7.57 -3.15
CA THR A 357 4.63 -7.61 -4.55
C THR A 357 5.79 -7.53 -5.54
N ALA A 358 6.99 -7.21 -5.08
CA ALA A 358 8.18 -7.08 -5.92
C ALA A 358 9.22 -8.12 -5.49
N GLN A 359 9.99 -8.64 -6.45
CA GLN A 359 10.97 -9.71 -6.17
C GLN A 359 12.34 -9.26 -6.67
N TYR A 360 13.39 -9.71 -5.97
CA TYR A 360 14.74 -9.23 -6.23
C TYR A 360 15.73 -10.36 -6.07
N THR A 361 16.89 -10.17 -6.69
CA THR A 361 18.04 -11.06 -6.50
C THR A 361 18.70 -10.66 -5.19
N VAL A 362 18.63 -11.55 -4.19
CA VAL A 362 19.04 -11.21 -2.83
C VAL A 362 20.44 -11.67 -2.47
N GLY A 363 21.03 -12.59 -3.24
CA GLY A 363 22.39 -12.98 -2.97
C GLY A 363 22.55 -13.83 -1.71
N SER A 364 23.72 -13.67 -1.09
CA SER A 364 24.25 -14.59 -0.07
C SER A 364 23.44 -14.65 1.22
N SER A 365 22.41 -13.83 1.38
CA SER A 365 21.60 -13.94 2.59
C SER A 365 20.81 -15.24 2.66
N VAL A 366 20.64 -15.96 1.53
CA VAL A 366 19.91 -17.23 1.54
C VAL A 366 20.72 -18.40 2.08
N LYS A 367 22.02 -18.21 2.33
CA LYS A 367 22.91 -19.34 2.57
C LYS A 367 22.57 -20.11 3.84
N GLY A 368 21.86 -19.52 4.78
CA GLY A 368 21.35 -20.31 5.88
C GLY A 368 20.38 -21.38 5.41
N GLY A 369 19.52 -21.02 4.45
CA GLY A 369 18.61 -22.00 3.89
C GLY A 369 19.32 -23.08 3.10
N THR A 370 20.38 -22.70 2.37
CA THR A 370 21.15 -23.67 1.60
C THR A 370 21.72 -24.78 2.48
N LEU A 371 22.27 -24.41 3.65
CA LEU A 371 22.83 -25.38 4.59
C LEU A 371 21.75 -26.33 5.12
N LEU A 372 20.60 -25.78 5.52
CA LEU A 372 19.52 -26.64 6.00
C LEU A 372 19.11 -27.66 4.95
N ALA A 373 19.06 -27.23 3.68
CA ALA A 373 18.76 -28.15 2.59
C ALA A 373 19.86 -29.19 2.42
N GLY A 374 21.11 -28.79 2.61
CA GLY A 374 22.22 -29.75 2.54
C GLY A 374 22.17 -30.78 3.65
N TYR A 375 21.87 -30.35 4.89
CA TYR A 375 21.79 -31.33 5.97
C TYR A 375 20.69 -32.35 5.73
N GLN A 376 19.50 -31.88 5.32
CA GLN A 376 18.33 -32.75 5.34
C GLN A 376 18.36 -33.77 4.22
N ASN A 377 19.19 -33.56 3.20
CA ASN A 377 19.46 -34.56 2.19
C ASN A 377 20.77 -35.30 2.46
N LYS A 378 21.36 -35.10 3.64
CA LYS A 378 22.60 -35.76 4.05
C LYS A 378 23.73 -35.46 3.07
N ALA A 379 23.65 -34.37 2.32
CA ALA A 379 24.79 -33.93 1.50
C ALA A 379 25.95 -33.46 2.38
N ILE A 380 25.65 -32.89 3.56
CA ILE A 380 26.69 -32.43 4.48
C ILE A 380 26.25 -32.75 5.89
N ASN A 381 27.22 -32.79 6.80
CA ASN A 381 26.96 -32.98 8.22
C ASN A 381 27.14 -31.67 8.97
N VAL A 382 26.41 -31.51 10.08
CA VAL A 382 26.64 -30.38 10.97
C VAL A 382 28.11 -30.34 11.37
N GLY A 383 28.73 -29.17 11.24
CA GLY A 383 30.11 -28.99 11.62
C GLY A 383 31.11 -29.36 10.55
N GLU A 384 30.67 -29.88 9.42
CA GLU A 384 31.61 -30.37 8.43
C GLU A 384 32.51 -29.23 7.96
N THR A 385 33.79 -29.52 7.81
CA THR A 385 34.73 -28.56 7.25
C THR A 385 35.01 -28.90 5.79
N MET A 386 35.21 -27.86 5.00
CA MET A 386 35.63 -27.98 3.61
C MET A 386 36.64 -26.88 3.33
N VAL A 387 37.44 -27.09 2.29
CA VAL A 387 38.39 -26.08 1.87
C VAL A 387 37.65 -25.07 1.00
N ASP A 388 37.66 -23.81 1.40
CA ASP A 388 37.24 -22.74 0.52
C ASP A 388 38.45 -22.35 -0.32
N GLU A 389 38.30 -22.40 -1.64
CA GLU A 389 39.36 -22.07 -2.59
C GLU A 389 38.72 -21.91 -3.96
N PRO A 390 39.39 -21.24 -4.89
CA PRO A 390 38.86 -21.17 -6.27
C PRO A 390 38.63 -22.57 -6.81
N LEU A 391 37.42 -22.80 -7.33
CA LEU A 391 37.07 -24.04 -8.01
C LEU A 391 37.30 -23.90 -9.50
N LYS A 392 37.80 -24.97 -10.11
CA LYS A 392 38.10 -25.01 -11.54
C LYS A 392 37.28 -26.12 -12.20
N PHE A 393 36.65 -25.79 -13.32
CA PHE A 393 35.80 -26.73 -14.04
C PHE A 393 36.32 -26.89 -15.47
N GLN A 394 35.79 -27.91 -16.16
CA GLN A 394 36.25 -28.26 -17.50
C GLN A 394 36.25 -27.04 -18.41
N GLY A 395 37.34 -26.90 -19.18
CA GLY A 395 37.50 -25.76 -20.06
C GLY A 395 38.10 -24.52 -19.43
N GLY A 396 38.17 -24.46 -18.10
CA GLY A 396 38.80 -23.34 -17.43
C GLY A 396 37.84 -22.40 -16.74
N LEU A 397 36.55 -22.69 -16.75
CA LEU A 397 35.58 -21.93 -15.95
C LEU A 397 35.91 -22.04 -14.47
N THR A 398 35.99 -20.89 -13.80
CA THR A 398 36.31 -20.82 -12.38
C THR A 398 35.13 -20.23 -11.59
N LYS A 399 35.11 -20.54 -10.30
CA LYS A 399 34.14 -20.02 -9.33
C LYS A 399 34.86 -19.92 -7.99
N ARG A 400 34.53 -18.89 -7.21
CA ARG A 400 35.31 -18.60 -6.00
C ARG A 400 34.48 -17.74 -5.05
N SER A 401 34.99 -17.61 -3.82
CA SER A 401 34.38 -16.77 -2.79
C SER A 401 35.01 -15.39 -2.80
N TYR A 402 34.17 -14.38 -2.55
CA TYR A 402 34.68 -13.01 -2.55
C TYR A 402 35.78 -12.82 -1.49
N PHE A 403 35.59 -13.38 -0.28
CA PHE A 403 36.56 -13.13 0.79
C PHE A 403 37.88 -13.85 0.59
N ASN A 404 37.96 -14.76 -0.38
CA ASN A 404 39.12 -15.63 -0.52
C ASN A 404 39.31 -15.91 -2.01
N LYS A 405 39.73 -14.90 -2.76
CA LYS A 405 39.80 -15.04 -4.21
C LYS A 405 41.05 -15.79 -4.67
N ASN A 406 42.05 -15.93 -3.80
CA ASN A 406 43.33 -16.46 -4.22
C ASN A 406 43.94 -17.47 -3.24
N GLY A 407 43.31 -17.75 -2.10
CA GLY A 407 43.87 -18.59 -1.09
C GLY A 407 43.13 -19.91 -0.92
N HIS A 408 43.48 -20.61 0.16
CA HIS A 408 42.96 -21.94 0.44
C HIS A 408 42.75 -22.05 1.94
N VAL A 409 41.49 -22.04 2.36
CA VAL A 409 41.15 -21.95 3.78
C VAL A 409 40.16 -23.07 4.13
N SER A 410 40.44 -23.76 5.21
CA SER A 410 39.56 -24.77 5.75
C SER A 410 38.55 -24.09 6.68
N ILE A 411 37.26 -24.23 6.39
CA ILE A 411 36.23 -23.60 7.19
C ILE A 411 35.08 -24.56 7.48
N ASP A 412 34.47 -24.32 8.64
CA ASP A 412 33.18 -24.80 9.13
C ASP A 412 31.99 -24.32 8.31
N ASP A 413 30.86 -25.03 8.47
CA ASP A 413 29.60 -24.51 7.95
C ASP A 413 29.24 -23.17 8.62
N LYS A 414 29.50 -23.04 9.92
CA LYS A 414 29.14 -21.75 10.51
C LYS A 414 30.17 -20.67 10.23
N GLN A 415 31.43 -21.01 10.01
CA GLN A 415 32.37 -20.04 9.45
C GLN A 415 32.02 -19.68 8.01
N ALA A 416 31.50 -20.64 7.23
CA ALA A 416 31.04 -20.31 5.88
C ALA A 416 29.97 -19.22 5.93
N LEU A 417 29.07 -19.28 6.92
CA LEU A 417 28.04 -18.26 7.07
C LEU A 417 28.67 -16.95 7.53
N MET A 418 29.57 -17.02 8.51
CA MET A 418 30.24 -15.80 8.98
C MET A 418 30.94 -15.07 7.84
N HIS A 419 31.75 -15.80 7.06
CA HIS A 419 32.49 -15.25 5.93
C HIS A 419 31.63 -15.00 4.71
N SER A 420 30.42 -15.59 4.65
CA SER A 420 29.61 -15.58 3.44
C SER A 420 30.33 -16.30 2.28
N SER A 421 30.84 -17.49 2.57
CA SER A 421 31.54 -18.31 1.57
C SER A 421 30.61 -18.70 0.41
N ASN A 422 31.11 -18.54 -0.82
CA ASN A 422 30.43 -19.16 -1.96
C ASN A 422 30.82 -20.62 -2.13
N VAL A 423 32.11 -20.90 -1.98
CA VAL A 423 32.64 -22.22 -2.36
C VAL A 423 32.09 -23.31 -1.45
N TYR A 424 31.88 -23.01 -0.16
CA TYR A 424 31.25 -23.99 0.72
C TYR A 424 29.87 -24.39 0.20
N MET A 425 29.09 -23.41 -0.29
CA MET A 425 27.76 -23.73 -0.81
C MET A 425 27.82 -24.41 -2.17
N PHE A 426 28.76 -24.01 -3.03
CA PHE A 426 28.96 -24.72 -4.31
C PHE A 426 29.25 -26.20 -4.07
N LYS A 427 30.17 -26.49 -3.14
CA LYS A 427 30.50 -27.87 -2.81
C LYS A 427 29.32 -28.59 -2.21
N THR A 428 28.56 -27.91 -1.35
CA THR A 428 27.33 -28.50 -0.83
C THR A 428 26.37 -28.84 -1.97
N ALA A 429 26.19 -27.92 -2.91
CA ALA A 429 25.31 -28.19 -4.05
C ALA A 429 25.82 -29.37 -4.88
N LEU A 430 27.14 -29.45 -5.07
CA LEU A 430 27.67 -30.53 -5.88
C LEU A 430 27.49 -31.88 -5.19
N LYS A 431 27.64 -31.92 -3.86
CA LYS A 431 27.34 -33.14 -3.11
C LYS A 431 25.86 -33.49 -3.20
N LEU A 432 24.99 -32.48 -3.06
CA LEU A 432 23.56 -32.72 -3.25
C LEU A 432 23.26 -33.25 -4.65
N ALA A 433 24.01 -32.83 -5.67
CA ALA A 433 23.79 -33.36 -7.02
C ALA A 433 24.44 -34.73 -7.22
N GLY A 434 24.95 -35.35 -6.16
CA GLY A 434 25.59 -36.65 -6.27
C GLY A 434 26.86 -36.63 -7.08
N ASP A 435 27.59 -35.52 -7.08
CA ASP A 435 28.75 -35.32 -7.96
C ASP A 435 29.74 -34.39 -7.28
N PRO A 436 30.42 -34.87 -6.23
CA PRO A 436 31.27 -33.98 -5.43
C PRO A 436 32.40 -33.37 -6.24
N TYR A 437 32.77 -32.14 -5.85
CA TYR A 437 33.77 -31.40 -6.59
C TYR A 437 35.08 -32.17 -6.70
N THR A 438 35.64 -32.19 -7.91
CA THR A 438 37.03 -32.54 -8.15
C THR A 438 37.55 -31.56 -9.20
N SER A 439 38.80 -31.16 -9.04
CA SER A 439 39.35 -30.10 -9.87
C SER A 439 39.30 -30.47 -11.34
N GLY A 440 38.85 -29.53 -12.15
CA GLY A 440 38.71 -29.71 -13.58
C GLY A 440 37.52 -30.55 -14.01
N MET A 441 36.64 -30.95 -13.09
CA MET A 441 35.50 -31.75 -13.50
C MET A 441 34.60 -30.96 -14.46
N SER A 442 33.81 -31.69 -15.21
CA SER A 442 32.72 -31.08 -15.94
C SER A 442 31.49 -31.07 -15.03
N LEU A 443 30.73 -29.99 -15.09
CA LEU A 443 29.56 -29.85 -14.24
C LEU A 443 28.56 -30.97 -14.56
N PRO A 444 27.79 -31.43 -13.57
CA PRO A 444 26.78 -32.45 -13.85
C PRO A 444 25.82 -31.97 -14.92
N ASN A 445 25.49 -32.89 -15.82
CA ASN A 445 24.71 -32.57 -17.01
C ASN A 445 23.26 -32.32 -16.66
N ASN A 446 22.68 -33.19 -15.87
CA ASN A 446 21.29 -33.03 -15.47
C ASN A 446 21.24 -32.81 -13.97
N ILE A 447 20.76 -31.63 -13.57
CA ILE A 447 20.63 -31.31 -12.15
C ILE A 447 19.15 -31.17 -11.75
N ALA A 448 18.24 -31.71 -12.56
CA ALA A 448 16.81 -31.52 -12.31
C ALA A 448 16.41 -32.01 -10.92
N ASP A 449 16.88 -33.18 -10.54
CA ASP A 449 16.49 -33.74 -9.24
C ASP A 449 17.18 -33.01 -8.06
N ALA A 450 18.44 -32.63 -8.24
CA ALA A 450 19.12 -31.84 -7.22
C ALA A 450 18.46 -30.48 -7.06
N GLY A 451 18.17 -29.81 -8.17
CA GLY A 451 17.47 -28.53 -8.12
C GLY A 451 16.15 -28.63 -7.38
N ARG A 452 15.40 -29.70 -7.61
CA ARG A 452 14.11 -29.84 -6.92
C ARG A 452 14.33 -30.04 -5.43
N LYS A 453 15.38 -30.77 -5.04
CA LYS A 453 15.67 -30.94 -3.63
C LYS A 453 16.13 -29.63 -2.99
N LEU A 454 16.95 -28.84 -3.71
CA LEU A 454 17.42 -27.58 -3.15
C LEU A 454 16.28 -26.59 -2.98
N ARG A 455 15.41 -26.49 -3.99
CA ARG A 455 14.24 -25.62 -3.91
C ARG A 455 13.30 -26.08 -2.81
N LYS A 456 13.17 -27.39 -2.63
CA LYS A 456 12.32 -27.92 -1.58
C LYS A 456 12.85 -27.53 -0.21
N GLY A 457 14.16 -27.62 -0.02
CA GLY A 457 14.75 -27.16 1.23
C GLY A 457 14.54 -25.67 1.46
N LEU A 458 14.81 -24.85 0.44
CA LEU A 458 14.61 -23.41 0.58
C LEU A 458 13.15 -23.07 0.81
N ASN A 459 12.23 -23.78 0.14
CA ASN A 459 10.80 -23.55 0.35
C ASN A 459 10.40 -23.72 1.81
N GLN A 460 11.09 -24.59 2.54
CA GLN A 460 10.68 -24.89 3.91
C GLN A 460 10.92 -23.74 4.87
N VAL A 461 11.88 -22.84 4.57
CA VAL A 461 12.10 -21.65 5.39
C VAL A 461 11.37 -20.43 4.85
N GLY A 462 10.75 -20.52 3.68
CA GLY A 462 9.99 -19.42 3.14
C GLY A 462 10.52 -18.87 1.84
N LEU A 463 11.65 -19.40 1.35
CA LEU A 463 12.27 -18.92 0.13
C LEU A 463 11.67 -19.70 -1.05
N GLY A 464 10.75 -19.07 -1.77
CA GLY A 464 10.22 -19.61 -3.02
C GLY A 464 8.74 -19.92 -3.04
N LEU A 465 8.07 -19.95 -1.88
CA LEU A 465 6.62 -19.98 -1.83
C LEU A 465 6.10 -18.64 -1.36
N LYS A 466 4.80 -18.41 -1.59
CA LYS A 466 4.12 -17.30 -0.95
C LYS A 466 4.19 -17.47 0.56
N THR A 467 4.46 -16.38 1.27
CA THR A 467 4.53 -16.46 2.73
C THR A 467 3.15 -16.66 3.37
N GLY A 468 2.09 -16.29 2.67
CA GLY A 468 0.75 -16.40 3.20
C GLY A 468 0.21 -15.12 3.81
N ILE A 469 0.79 -13.96 3.51
CA ILE A 469 0.34 -12.71 4.09
C ILE A 469 -1.11 -12.42 3.71
N ASP A 470 -1.86 -11.93 4.69
CA ASP A 470 -3.27 -11.57 4.54
C ASP A 470 -3.44 -10.26 3.78
N LEU A 471 -2.86 -10.20 2.58
CA LEU A 471 -3.01 -9.12 1.64
C LEU A 471 -3.00 -9.72 0.24
N PRO A 472 -3.62 -9.07 -0.75
CA PRO A 472 -3.59 -9.59 -2.10
C PRO A 472 -2.29 -9.24 -2.83
N ASN A 473 -2.08 -9.96 -3.94
CA ASN A 473 -1.03 -9.71 -4.91
C ASN A 473 0.37 -10.10 -4.42
N GLU A 474 0.48 -10.96 -3.42
CA GLU A 474 1.81 -11.45 -3.04
C GLU A 474 2.40 -12.28 -4.18
N THR A 475 3.70 -12.08 -4.47
CA THR A 475 4.35 -12.97 -5.44
C THR A 475 5.31 -13.93 -4.73
N PRO A 476 5.49 -15.16 -5.24
CA PRO A 476 6.51 -16.07 -4.69
C PRO A 476 7.90 -15.84 -5.26
N GLY A 477 8.09 -14.85 -6.11
CA GLY A 477 9.35 -14.65 -6.80
C GLY A 477 9.39 -15.37 -8.14
N GLN A 478 10.46 -15.13 -8.90
CA GLN A 478 10.61 -15.75 -10.21
C GLN A 478 11.35 -17.09 -10.06
N ILE A 479 10.71 -18.17 -10.51
CA ILE A 479 11.23 -19.53 -10.38
C ILE A 479 11.36 -20.10 -11.78
N GLU A 480 12.59 -20.17 -12.32
CA GLU A 480 12.92 -20.59 -13.67
C GLU A 480 13.34 -22.06 -13.70
N PRO A 481 13.31 -22.72 -14.86
CA PRO A 481 13.55 -24.17 -14.91
C PRO A 481 14.95 -24.58 -14.50
N LEU A 482 15.03 -25.74 -13.83
CA LEU A 482 16.29 -26.38 -13.46
C LEU A 482 16.28 -27.77 -14.10
N THR A 483 17.00 -27.92 -15.22
CA THR A 483 17.06 -29.21 -15.91
C THR A 483 18.50 -29.56 -16.23
N ASN A 484 19.08 -28.88 -17.21
CA ASN A 484 20.45 -29.16 -17.60
C ASN A 484 21.31 -27.90 -17.58
N ASN A 485 21.02 -26.97 -16.65
CA ASN A 485 21.77 -25.73 -16.47
C ASN A 485 22.49 -25.76 -15.12
N PRO A 486 23.56 -26.55 -14.98
CA PRO A 486 24.21 -26.65 -13.66
C PRO A 486 24.75 -25.33 -13.16
N GLY A 487 25.10 -24.41 -14.06
CA GLY A 487 25.51 -23.07 -13.64
C GLY A 487 24.41 -22.36 -12.86
N ASN A 488 23.18 -22.39 -13.38
CA ASN A 488 22.07 -21.79 -12.66
C ASN A 488 21.84 -22.51 -11.34
N TYR A 489 22.02 -23.82 -11.32
CA TYR A 489 21.80 -24.58 -10.10
C TYR A 489 22.76 -24.13 -9.00
N LEU A 490 24.06 -24.01 -9.30
CA LEU A 490 25.00 -23.51 -8.32
C LEU A 490 24.65 -22.09 -7.89
N ASP A 491 24.10 -21.29 -8.81
CA ASP A 491 23.74 -19.92 -8.47
C ASP A 491 22.58 -19.89 -7.49
N LEU A 492 21.65 -20.84 -7.62
CA LEU A 492 20.56 -20.95 -6.66
C LEU A 492 21.09 -21.18 -5.25
N ALA A 493 22.21 -21.91 -5.10
CA ALA A 493 22.76 -22.21 -3.79
C ALA A 493 23.34 -20.96 -3.09
N ILE A 494 23.65 -19.89 -3.82
CA ILE A 494 24.20 -18.68 -3.22
C ILE A 494 23.28 -17.47 -3.38
N GLY A 495 22.06 -17.68 -3.87
CA GLY A 495 21.09 -16.61 -3.98
C GLY A 495 21.10 -15.84 -5.27
N GLN A 496 21.65 -16.40 -6.35
CA GLN A 496 21.78 -15.65 -7.60
C GLN A 496 21.02 -16.32 -8.75
N TYR A 497 19.94 -17.03 -8.45
CA TYR A 497 19.07 -17.50 -9.52
C TYR A 497 17.63 -17.05 -9.27
N ASP A 498 16.82 -17.86 -8.62
CA ASP A 498 15.48 -17.42 -8.22
C ASP A 498 15.54 -16.11 -7.44
N THR A 499 14.51 -15.29 -7.61
CA THR A 499 14.33 -14.01 -6.93
C THR A 499 13.30 -14.14 -5.80
N TYR A 500 13.39 -13.23 -4.84
CA TYR A 500 12.55 -13.29 -3.65
C TYR A 500 12.10 -11.89 -3.23
N THR A 501 11.02 -11.85 -2.45
CA THR A 501 10.55 -10.60 -1.89
C THR A 501 11.17 -10.34 -0.51
N PRO A 502 11.24 -9.08 -0.09
CA PRO A 502 11.68 -8.80 1.29
C PRO A 502 10.85 -9.53 2.33
N LEU A 503 9.56 -9.76 2.08
CA LEU A 503 8.76 -10.48 3.08
C LEU A 503 9.20 -11.94 3.20
N GLN A 504 9.62 -12.56 2.09
CA GLN A 504 10.16 -13.91 2.15
C GLN A 504 11.44 -13.94 2.98
N LEU A 505 12.32 -12.95 2.77
CA LEU A 505 13.54 -12.91 3.57
C LEU A 505 13.20 -12.82 5.05
N SER A 506 12.19 -12.03 5.38
CA SER A 506 11.78 -11.86 6.76
C SER A 506 11.14 -13.14 7.32
N GLN A 507 10.25 -13.76 6.57
CA GLN A 507 9.72 -15.04 7.00
C GLN A 507 10.84 -16.05 7.22
N TYR A 508 11.81 -16.07 6.31
CA TYR A 508 12.93 -16.99 6.41
C TYR A 508 13.79 -16.71 7.65
N VAL A 509 14.20 -15.45 7.86
CA VAL A 509 15.00 -15.21 9.06
C VAL A 509 14.18 -15.46 10.33
N SER A 510 12.87 -15.23 10.28
CA SER A 510 12.03 -15.51 11.44
C SER A 510 12.00 -17.00 11.74
N THR A 511 12.02 -17.83 10.69
CA THR A 511 12.03 -19.28 10.89
C THR A 511 13.28 -19.71 11.63
N ILE A 512 14.44 -19.17 11.22
CA ILE A 512 15.68 -19.41 11.95
C ILE A 512 15.54 -18.92 13.39
N ALA A 513 15.04 -17.68 13.57
CA ALA A 513 14.98 -17.06 14.89
C ALA A 513 14.11 -17.83 15.85
N ASN A 514 13.01 -18.43 15.38
CA ASN A 514 12.11 -19.10 16.32
C ASN A 514 12.30 -20.62 16.33
N ASP A 515 13.52 -21.08 16.03
CA ASP A 515 13.90 -22.49 16.13
C ASP A 515 13.18 -23.39 15.13
N GLY A 516 12.87 -22.88 13.94
CA GLY A 516 12.50 -23.74 12.84
C GLY A 516 11.05 -23.78 12.45
N TYR A 517 10.21 -22.89 13.00
CA TYR A 517 8.79 -22.84 12.68
C TYR A 517 8.56 -21.73 11.67
N ARG A 518 8.06 -22.08 10.50
CA ARG A 518 7.75 -21.11 9.48
C ARG A 518 6.32 -20.65 9.70
N ILE A 519 6.15 -19.36 9.94
CA ILE A 519 4.87 -18.79 10.36
C ILE A 519 4.38 -17.83 9.28
N GLN A 520 3.10 -17.88 9.03
CA GLN A 520 2.40 -16.96 8.16
C GLN A 520 2.51 -15.51 8.65
N PRO A 521 3.10 -14.61 7.87
CA PRO A 521 3.04 -13.20 8.26
C PRO A 521 1.60 -12.73 8.17
N HIS A 522 1.26 -11.79 9.04
CA HIS A 522 -0.09 -11.22 9.02
C HIS A 522 -0.02 -9.79 9.53
N ILE A 523 -0.75 -8.91 8.86
CA ILE A 523 -0.89 -7.55 9.34
C ILE A 523 -2.21 -7.37 10.08
N GLY A 524 -3.19 -8.25 9.86
CA GLY A 524 -4.37 -8.24 10.69
C GLY A 524 -4.09 -8.97 12.00
N LEU A 525 -4.64 -8.42 13.09
CA LEU A 525 -4.40 -8.96 14.42
C LEU A 525 -5.68 -9.36 15.14
N SER A 526 -6.70 -8.50 15.10
CA SER A 526 -7.96 -8.93 15.70
C SER A 526 -9.12 -8.15 15.10
N ILE A 527 -10.32 -8.68 15.32
CA ILE A 527 -11.56 -8.11 14.83
C ILE A 527 -12.48 -7.88 16.02
N TYR A 528 -13.11 -6.71 16.08
CA TYR A 528 -13.92 -6.31 17.22
C TYR A 528 -15.40 -6.32 16.84
N GLU A 529 -16.25 -6.73 17.77
CA GLU A 529 -17.70 -6.72 17.57
C GLU A 529 -18.19 -5.30 17.86
N SER A 530 -17.97 -4.42 16.89
CA SER A 530 -18.18 -3.00 17.11
C SER A 530 -19.64 -2.62 16.88
N THR A 531 -20.21 -1.93 17.85
CA THR A 531 -21.58 -1.44 17.74
C THR A 531 -21.68 0.07 17.88
N ASN A 532 -20.94 0.68 18.80
CA ASN A 532 -21.11 2.09 19.12
C ASN A 532 -20.03 2.97 18.49
N LYS A 533 -20.42 4.20 18.19
CA LYS A 533 -19.56 5.18 17.55
C LYS A 533 -18.30 5.44 18.37
N ASP A 534 -17.15 5.30 17.73
CA ASP A 534 -15.84 5.57 18.34
C ASP A 534 -15.51 4.66 19.52
N GLU A 535 -16.11 3.48 19.63
CA GLU A 535 -15.79 2.51 20.68
C GLU A 535 -15.49 1.16 20.04
N THR A 536 -14.39 0.52 20.45
CA THR A 536 -14.01 -0.74 19.79
C THR A 536 -15.07 -1.80 20.00
N GLY A 537 -15.57 -1.94 21.23
CA GLY A 537 -16.44 -3.04 21.59
C GLY A 537 -15.65 -4.25 22.04
N PRO A 538 -16.34 -5.33 22.36
CA PRO A 538 -15.62 -6.55 22.76
C PRO A 538 -14.99 -7.23 21.56
N LEU A 539 -13.94 -8.01 21.85
CA LEU A 539 -13.17 -8.70 20.81
C LEU A 539 -14.03 -9.78 20.17
N LYS A 540 -14.09 -9.78 18.84
CA LYS A 540 -14.82 -10.82 18.15
C LYS A 540 -13.94 -12.05 17.86
N ARG A 541 -12.79 -11.83 17.24
CA ARG A 541 -12.00 -12.91 16.66
C ARG A 541 -10.54 -12.45 16.59
N LYS A 542 -9.63 -13.37 16.92
CA LYS A 542 -8.20 -13.13 16.73
C LYS A 542 -7.80 -13.54 15.33
N ILE A 543 -6.85 -12.81 14.76
CA ILE A 543 -6.25 -13.19 13.47
C ILE A 543 -4.87 -13.74 13.79
N LYS A 544 -4.68 -15.03 13.56
CA LYS A 544 -3.47 -15.73 13.98
C LYS A 544 -2.50 -15.89 12.84
N GLY A 545 -1.20 -15.87 13.15
CA GLY A 545 -0.23 -16.38 12.22
C GLY A 545 -0.11 -17.88 12.37
N ASN A 546 -0.65 -18.64 11.44
CA ASN A 546 -0.60 -20.09 11.56
C ASN A 546 0.80 -20.61 11.26
N VAL A 547 1.19 -21.65 12.00
CA VAL A 547 2.42 -22.36 11.68
C VAL A 547 2.22 -23.09 10.36
N LEU A 548 2.96 -22.68 9.34
CA LEU A 548 2.83 -23.30 8.02
C LEU A 548 3.50 -24.68 8.00
N ASN A 549 4.66 -24.81 8.64
CA ASN A 549 5.44 -26.04 8.68
C ASN A 549 6.61 -25.81 9.63
N LYS A 550 7.15 -26.91 10.15
CA LYS A 550 8.45 -26.92 10.81
C LYS A 550 9.50 -27.42 9.83
N VAL A 551 10.71 -26.86 9.91
CA VAL A 551 11.75 -27.30 8.99
C VAL A 551 12.13 -28.74 9.30
N ASN A 552 12.39 -29.50 8.24
CA ASN A 552 12.81 -30.90 8.34
C ASN A 552 14.29 -30.95 8.70
N ASN A 553 14.59 -30.53 9.94
CA ASN A 553 15.96 -30.42 10.40
C ASN A 553 16.01 -30.64 11.90
N SER A 554 17.09 -31.27 12.36
CA SER A 554 17.26 -31.49 13.78
C SER A 554 17.60 -30.18 14.48
N ASN A 555 17.42 -30.16 15.79
CA ASN A 555 17.73 -28.96 16.57
C ASN A 555 19.20 -28.59 16.49
N ASP A 556 20.10 -29.57 16.34
CA ASP A 556 21.52 -29.24 16.17
C ASP A 556 21.77 -28.55 14.82
N GLU A 557 21.02 -28.93 13.79
CA GLU A 557 21.14 -28.28 12.48
C GLU A 557 20.65 -26.83 12.54
N ILE A 558 19.49 -26.60 13.16
CA ILE A 558 18.99 -25.24 13.29
C ILE A 558 19.95 -24.38 14.12
N LYS A 559 20.46 -24.93 15.23
CA LYS A 559 21.38 -24.18 16.08
C LYS A 559 22.68 -23.86 15.37
N GLU A 560 23.15 -24.74 14.48
CA GLU A 560 24.37 -24.45 13.73
C GLU A 560 24.19 -23.21 12.86
N VAL A 561 23.05 -23.10 12.18
CA VAL A 561 22.76 -21.91 11.39
C VAL A 561 22.63 -20.69 12.29
N GLN A 562 21.90 -20.84 13.41
CA GLN A 562 21.83 -19.75 14.39
C GLN A 562 23.23 -19.28 14.80
N GLU A 563 24.14 -20.22 15.05
CA GLU A 563 25.48 -19.85 15.50
C GLU A 563 26.25 -19.12 14.41
N GLY A 564 26.15 -19.60 13.16
CA GLY A 564 26.80 -18.89 12.06
C GLY A 564 26.23 -17.51 11.83
N PHE A 565 24.91 -17.36 12.02
CA PHE A 565 24.27 -16.04 11.94
C PHE A 565 24.79 -15.11 13.05
N LYS A 566 24.99 -15.66 14.25
CA LYS A 566 25.50 -14.84 15.35
C LYS A 566 26.95 -14.44 15.08
N MET A 567 27.74 -15.35 14.53
CA MET A 567 29.13 -15.04 14.20
C MET A 567 29.23 -14.02 13.07
N ALA A 568 28.27 -14.04 12.12
CA ALA A 568 28.26 -13.04 11.06
C ALA A 568 28.14 -11.64 11.64
N PHE A 569 27.38 -11.50 12.72
CA PHE A 569 27.10 -10.18 13.28
C PHE A 569 28.06 -9.78 14.39
N ASN A 570 28.83 -10.74 14.95
CA ASN A 570 29.52 -10.51 16.22
C ASN A 570 31.00 -10.90 16.23
N GLU A 571 31.49 -11.65 15.24
CA GLU A 571 32.91 -11.90 15.08
C GLU A 571 33.52 -10.88 14.13
N LYS A 572 34.81 -10.58 14.34
CA LYS A 572 35.47 -9.53 13.57
C LYS A 572 35.47 -9.82 12.07
N GLN A 573 35.48 -11.09 11.70
CA GLN A 573 35.48 -11.50 10.30
C GLN A 573 34.09 -11.61 9.70
N GLY A 574 33.04 -11.41 10.50
CA GLY A 574 31.69 -11.51 9.99
C GLY A 574 31.35 -10.31 9.12
N THR A 575 30.57 -10.54 8.07
CA THR A 575 30.26 -9.46 7.14
C THR A 575 29.41 -8.38 7.79
N GLY A 576 28.69 -8.70 8.86
CA GLY A 576 27.85 -7.75 9.58
C GLY A 576 28.42 -7.18 10.85
N TYR A 577 29.69 -7.46 11.15
CA TYR A 577 30.35 -6.97 12.37
C TYR A 577 30.25 -5.46 12.52
N ALA A 578 30.63 -4.72 11.47
CA ALA A 578 30.67 -3.27 11.54
C ALA A 578 29.31 -2.67 11.89
N SER A 579 28.21 -3.30 11.48
CA SER A 579 26.90 -2.71 11.75
C SER A 579 26.27 -3.21 13.03
N PHE A 580 26.47 -4.48 13.39
CA PHE A 580 25.61 -5.10 14.38
C PHE A 580 26.34 -5.54 15.65
N ARG A 581 27.65 -5.40 15.73
CA ARG A 581 28.36 -5.92 16.91
C ARG A 581 28.02 -5.16 18.18
N ASN A 582 27.52 -3.92 18.07
CA ASN A 582 27.23 -3.09 19.23
C ASN A 582 25.75 -2.79 19.39
N THR A 583 24.87 -3.62 18.83
CA THR A 583 23.45 -3.38 19.07
C THR A 583 23.17 -3.46 20.58
N VAL A 584 22.14 -2.72 21.01
CA VAL A 584 21.86 -2.60 22.44
C VAL A 584 21.54 -3.95 23.07
N VAL A 585 20.99 -4.87 22.29
CA VAL A 585 20.90 -6.29 22.68
C VAL A 585 21.65 -7.08 21.65
N PRO A 586 22.13 -8.29 21.99
CA PRO A 586 22.89 -9.08 21.01
C PRO A 586 21.97 -9.42 19.84
N SER A 587 22.50 -9.24 18.64
CA SER A 587 21.74 -9.52 17.43
C SER A 587 22.48 -10.54 16.55
N ALA A 588 21.71 -11.19 15.68
CA ALA A 588 22.26 -12.21 14.77
C ALA A 588 21.58 -12.10 13.42
N GLY A 589 22.30 -12.44 12.35
CA GLY A 589 21.70 -12.36 11.03
C GLY A 589 22.66 -12.72 9.90
N LYS A 590 22.31 -12.25 8.70
CA LYS A 590 23.04 -12.66 7.50
C LYS A 590 22.93 -11.55 6.46
N THR A 591 24.01 -11.31 5.73
CA THR A 591 24.07 -10.32 4.66
C THR A 591 24.06 -10.99 3.29
N GLY A 592 23.73 -10.19 2.27
CA GLY A 592 23.87 -10.60 0.89
C GLY A 592 24.20 -9.44 -0.05
N THR A 593 25.12 -9.66 -0.97
CA THR A 593 25.48 -8.69 -2.01
C THR A 593 25.49 -9.42 -3.35
N ALA A 594 24.56 -9.05 -4.24
CA ALA A 594 24.39 -9.74 -5.52
C ALA A 594 24.67 -8.79 -6.67
N GLU A 595 25.44 -9.25 -7.65
CA GLU A 595 25.71 -8.43 -8.83
C GLU A 595 24.50 -8.39 -9.76
N VAL A 596 24.11 -7.18 -10.14
CA VAL A 596 23.04 -6.91 -11.10
C VAL A 596 23.52 -5.84 -12.07
N PHE A 597 22.68 -5.48 -13.05
CA PHE A 597 23.08 -4.48 -14.03
C PHE A 597 21.92 -3.56 -14.33
N GLN A 598 22.24 -2.29 -14.58
CA GLN A 598 21.23 -1.29 -14.90
C GLN A 598 21.74 -0.46 -16.07
N ASP A 599 21.01 -0.47 -17.20
CA ASP A 599 21.44 0.23 -18.42
C ASP A 599 22.89 -0.15 -18.77
N GLY A 600 23.22 -1.43 -18.60
CA GLY A 600 24.57 -1.90 -18.80
C GLY A 600 25.61 -1.33 -17.87
N GLU A 601 25.21 -0.95 -16.65
CA GLU A 601 26.24 -0.55 -15.71
C GLU A 601 26.25 -1.49 -14.50
N PRO A 602 27.42 -1.86 -13.99
CA PRO A 602 27.48 -2.83 -12.88
C PRO A 602 26.97 -2.20 -11.60
N ARG A 603 26.05 -2.90 -10.93
CA ARG A 603 25.49 -2.51 -9.64
C ARG A 603 25.45 -3.74 -8.73
N VAL A 604 24.99 -3.54 -7.49
CA VAL A 604 24.60 -4.66 -6.64
C VAL A 604 23.27 -4.37 -5.99
N ASN A 605 22.58 -5.46 -5.60
CA ASN A 605 21.59 -5.40 -4.53
C ASN A 605 22.28 -5.76 -3.23
N SER A 606 21.89 -5.09 -2.14
CA SER A 606 22.38 -5.42 -0.80
C SER A 606 21.21 -5.82 0.07
N THR A 607 21.35 -6.93 0.76
CA THR A 607 20.23 -7.45 1.54
C THR A 607 20.75 -7.84 2.92
N TYR A 608 19.87 -7.71 3.90
CA TYR A 608 20.19 -7.91 5.29
C TYR A 608 18.99 -8.58 5.91
N ILE A 609 19.22 -9.62 6.70
CA ILE A 609 18.19 -10.18 7.56
C ILE A 609 18.79 -10.34 8.95
N GLY A 610 17.93 -10.35 9.96
CA GLY A 610 18.49 -10.48 11.30
C GLY A 610 17.39 -10.55 12.33
N TYR A 611 17.82 -10.80 13.57
CA TYR A 611 16.87 -10.91 14.68
C TYR A 611 17.58 -10.57 16.00
N ALA A 612 16.78 -10.22 17.00
CA ALA A 612 17.30 -9.81 18.30
C ALA A 612 16.23 -9.96 19.35
N PRO A 613 16.59 -10.23 20.62
CA PRO A 613 17.94 -10.65 21.08
C PRO A 613 18.20 -12.09 20.65
N VAL A 614 19.48 -12.46 20.56
CA VAL A 614 19.86 -13.80 20.14
C VAL A 614 19.18 -14.86 21.01
N ASP A 615 19.12 -14.63 22.32
CA ASP A 615 18.75 -15.69 23.26
C ASP A 615 17.27 -16.00 23.22
N ASP A 616 16.41 -15.00 23.06
CA ASP A 616 14.96 -15.22 22.96
C ASP A 616 14.39 -14.16 22.02
N PRO A 617 14.49 -14.38 20.71
CA PRO A 617 14.24 -13.27 19.75
C PRO A 617 12.79 -12.81 19.81
N LYS A 618 12.62 -11.49 19.85
CA LYS A 618 11.32 -10.85 19.79
C LYS A 618 11.20 -9.94 18.57
N LEU A 619 12.26 -9.76 17.80
CA LEU A 619 12.23 -8.91 16.63
C LEU A 619 13.04 -9.58 15.53
N SER A 620 12.53 -9.48 14.31
CA SER A 620 13.25 -9.93 13.13
C SER A 620 12.98 -8.94 12.01
N PHE A 621 13.88 -8.90 11.03
CA PHE A 621 13.72 -7.94 9.96
C PHE A 621 14.36 -8.47 8.69
N SER A 622 13.98 -7.87 7.57
CA SER A 622 14.78 -7.91 6.36
C SER A 622 14.86 -6.50 5.80
N ILE A 623 15.94 -6.26 5.04
CA ILE A 623 16.18 -5.01 4.36
C ILE A 623 16.67 -5.35 2.96
N VAL A 624 16.17 -4.63 1.96
CA VAL A 624 16.66 -4.77 0.59
C VAL A 624 16.93 -3.38 0.01
N TYR A 625 18.15 -3.16 -0.47
CA TYR A 625 18.51 -2.03 -1.32
C TYR A 625 18.85 -2.55 -2.71
N THR A 626 18.38 -1.86 -3.76
CA THR A 626 18.69 -2.24 -5.13
C THR A 626 19.55 -1.19 -5.83
N ASN A 627 20.47 -1.69 -6.66
CA ASN A 627 21.28 -0.88 -7.58
C ASN A 627 22.18 0.10 -6.85
N GLN A 628 22.86 -0.39 -5.80
CA GLN A 628 24.01 0.29 -5.22
C GLN A 628 25.22 0.11 -6.13
N PRO A 629 26.29 0.89 -5.94
CA PRO A 629 27.52 0.64 -6.69
C PRO A 629 28.12 -0.71 -6.31
N VAL A 630 28.94 -1.25 -7.19
CA VAL A 630 29.67 -2.46 -6.80
C VAL A 630 30.72 -2.07 -5.77
N PRO A 631 30.76 -2.69 -4.61
CA PRO A 631 31.76 -2.32 -3.63
C PRO A 631 33.13 -2.82 -4.05
N PRO A 632 34.08 -1.91 -4.22
CA PRO A 632 35.29 -1.97 -3.41
C PRO A 632 35.09 -1.11 -2.16
N PRO A 633 34.28 0.01 -2.20
CA PRO A 633 33.85 0.64 -0.94
C PRO A 633 32.56 0.04 -0.38
N TRP A 634 32.67 -0.69 0.73
CA TRP A 634 31.51 -1.35 1.31
C TRP A 634 30.67 -0.34 2.06
N LEU A 635 29.43 -0.19 1.64
CA LEU A 635 28.51 0.67 2.35
C LEU A 635 27.91 -0.13 3.49
N ASN A 636 27.43 0.55 4.50
CA ASN A 636 26.94 -0.27 5.61
C ASN A 636 25.45 -0.02 5.80
N GLY A 637 24.67 -0.39 4.78
CA GLY A 637 23.24 -0.22 4.79
C GLY A 637 22.55 -1.00 5.89
N GLY A 638 23.23 -2.00 6.46
CA GLY A 638 22.71 -2.69 7.64
C GLY A 638 22.58 -1.80 8.87
N ASP A 639 23.18 -0.60 8.85
CA ASP A 639 22.99 0.35 9.95
C ASP A 639 21.52 0.64 10.17
N LEU A 640 20.71 0.57 9.11
CA LEU A 640 19.28 0.71 9.30
C LEU A 640 18.75 -0.38 10.24
N GLY A 641 19.23 -1.61 10.08
CA GLY A 641 18.80 -2.67 10.97
C GLY A 641 19.33 -2.48 12.39
N ARG A 642 20.61 -2.09 12.51
CA ARG A 642 21.16 -1.69 13.80
C ARG A 642 20.30 -0.63 14.49
N ASP A 643 19.89 0.39 13.72
CA ASP A 643 19.16 1.53 14.31
C ASP A 643 17.76 1.13 14.73
N VAL A 644 17.10 0.27 13.94
CA VAL A 644 15.76 -0.18 14.34
C VAL A 644 15.86 -1.03 15.60
N ILE A 645 16.87 -1.90 15.68
CA ILE A 645 17.06 -2.71 16.87
C ILE A 645 17.32 -1.81 18.08
N ASN A 646 18.21 -0.82 17.93
CA ASN A 646 18.54 0.03 19.07
C ASN A 646 17.31 0.83 19.51
N TYR A 647 16.48 1.27 18.58
CA TYR A 647 15.24 1.96 18.97
C TYR A 647 14.27 1.02 19.66
N TYR A 648 14.05 -0.17 19.09
CA TYR A 648 13.00 -1.03 19.62
C TYR A 648 13.33 -1.52 21.03
N PHE A 649 14.62 -1.71 21.34
CA PHE A 649 15.03 -2.20 22.65
C PHE A 649 15.65 -1.09 23.52
N LYS A 650 15.44 0.18 23.16
CA LYS A 650 15.78 1.36 23.96
C LYS A 650 15.60 1.13 25.45
N ASP A 651 14.36 0.81 25.85
CA ASP A 651 14.01 0.64 27.25
C ASP A 651 14.11 -0.83 27.67
C1 4D6 B . 30.86 -8.30 -4.15
C3 4D6 B . 29.52 -10.06 -5.36
C5 4D6 B . 29.83 -7.65 -4.94
C7 4D6 B . 29.00 -12.50 -4.82
C11 4D6 B . 29.53 -13.48 -1.89
C12 4D6 B . 29.78 -12.34 -1.03
C14 4D6 B . 28.60 -12.09 -0.04
C17 4D6 B . 28.90 -10.81 0.68
O20 4D6 B . 27.28 -9.26 1.64
C18 4D6 B . 27.78 -10.42 1.65
O19 4D6 B . 27.35 -11.29 2.47
O16 4D6 B . 27.26 -12.02 -0.72
B15 4D6 B . 26.95 -13.07 -1.69
O27 4D6 B . 25.73 -12.60 -2.09
C34 4D6 B . 28.20 -13.45 -2.55
N9 4D6 B . 28.21 -12.37 -3.62
O8 4D6 B . 29.62 -13.49 -4.99
C6 4D6 B . 29.00 -11.40 -5.89
S2 4D6 B . 30.71 -9.83 -4.39
C4 4D6 B . 28.99 -8.75 -5.69
#